data_6CQV
#
_entry.id   6CQV
#
_cell.length_a   104.374
_cell.length_b   104.374
_cell.length_c   323.631
_cell.angle_alpha   90.00
_cell.angle_beta   90.00
_cell.angle_gamma   120.00
#
_symmetry.space_group_name_H-M   'P 31 2 1'
#
loop_
_entity.id
_entity.type
_entity.pdbx_description
1 polymer Acetylcholinesterase
2 branched 2-acetamido-2-deoxy-beta-D-glucopyranose-(1-4)-[alpha-L-fucopyranose-(1-6)]2-acetamido-2-deoxy-beta-D-glucopyranose
3 branched 2-acetamido-2-deoxy-beta-D-glucopyranose-(1-4)-2-acetamido-2-deoxy-beta-D-glucopyranose
4 non-polymer 4-(AMINOCARBONYL)-1-[({2-[(E)-(HYDROXYIMINO)METHYL]PYRIDINIUM-1-YL}METHOXY)METHYL]PYRIDINIUM
5 non-polymer 'O-ETHYLMETHYLPHOSPHONIC ACID ESTER GROUP'
6 non-polymer 2-acetamido-2-deoxy-beta-D-glucopyranose
7 water water
#
_entity_poly.entity_id   1
_entity_poly.type   'polypeptide(L)'
_entity_poly.pdbx_seq_one_letter_code
;GREDAELLVTVRGGRLRGIRLKTPGGPVSAFLGIPFAEPPMGPRRFLPPEPKQPWSGVVDATTFQSVCYQYVDTLYPGFE
GTEMWNPNRELSEDCLYLNVWTPYPRPTSPTPVLVWIYGGGFYSGASSLDVYDGRFLVQAERTVLVSMNYRVGAFGFLAL
PGSREAPGNVGLLDQRLALQWVQENVAAFGGDPTSVTLFGESAGAASVGMHLLSPPSRGLFHRAVLQSGAPNGPWATVGM
GEARRRATQLAHLVGCPPGGTGGNDTELVACLRTRPAQVLVNHEWHVLPQESVFRFSFVPVVDGDFLSDTPEALINAGDF
HGLQVLVGVVKDEGSYFLVYGAPGFSKDNESLISRAEFLAGVRVGVPQVSDLAAEAVVLHYTDWLHPEDPARLREALSDV
VGDHNVVCPVAQLAGRLAAQGARVYAYVFEHRASTLSWPLWMGVPHGYEIEFIFGIPLDPSRNYTAEEKIFAQRLMRYWA
NFARTGDPNEPRDPKAPQWPPYTAGAQQYVSLDLRPLEVRRGLRAQACAFWNRFLPKLLSAT
;
_entity_poly.pdbx_strand_id   A,B
#
loop_
_chem_comp.id
_chem_comp.type
_chem_comp.name
_chem_comp.formula
FUC L-saccharide, alpha linking alpha-L-fucopyranose 'C6 H12 O5'
HI6 non-polymer 4-(AMINOCARBONYL)-1-[({2-[(E)-(HYDROXYIMINO)METHYL]PYRIDINIUM-1-YL}METHOXY)METHYL]PYRIDINIUM 'C14 H16 N4 O3 2'
NAG D-saccharide, beta linking 2-acetamido-2-deoxy-beta-D-glucopyranose 'C8 H15 N O6'
VX non-polymer 'O-ETHYLMETHYLPHOSPHONIC ACID ESTER GROUP' 'C3 H9 O3 P'
#
# COMPACT_ATOMS: atom_id res chain seq x y z
N ARG A 2 52.44 24.49 -10.87
CA ARG A 2 51.90 23.17 -11.15
C ARG A 2 50.42 23.05 -10.78
N GLU A 3 50.10 23.14 -9.48
CA GLU A 3 48.77 22.87 -8.98
C GLU A 3 48.54 23.67 -7.70
N ASP A 4 47.32 24.16 -7.53
CA ASP A 4 46.91 24.83 -6.30
C ASP A 4 46.37 23.79 -5.32
N ALA A 5 46.96 23.74 -4.13
CA ALA A 5 46.55 22.73 -3.15
C ALA A 5 45.15 22.98 -2.63
N GLU A 6 44.70 24.24 -2.61
CA GLU A 6 43.36 24.54 -2.13
C GLU A 6 42.27 24.03 -3.07
N LEU A 7 42.59 23.81 -4.34
CA LEU A 7 41.64 23.36 -5.33
C LEU A 7 41.69 21.85 -5.56
N LEU A 8 42.30 21.11 -4.64
CA LEU A 8 42.41 19.66 -4.72
C LEU A 8 41.83 19.04 -3.46
N VAL A 9 40.99 18.03 -3.65
CA VAL A 9 40.29 17.37 -2.55
C VAL A 9 40.13 15.89 -2.89
N THR A 10 40.33 15.04 -1.89
CA THR A 10 40.07 13.60 -2.04
C THR A 10 38.76 13.24 -1.34
N VAL A 11 37.86 12.60 -2.07
CA VAL A 11 36.65 12.03 -1.49
C VAL A 11 36.72 10.52 -1.67
N ARG A 12 35.69 9.81 -1.19
CA ARG A 12 35.72 8.35 -1.19
C ARG A 12 35.99 7.79 -2.58
N GLY A 13 35.40 8.39 -3.60
CA GLY A 13 35.51 7.84 -4.95
C GLY A 13 36.80 8.17 -5.66
N GLY A 14 37.53 9.17 -5.21
CA GLY A 14 38.76 9.55 -5.87
C GLY A 14 39.06 11.02 -5.64
N ARG A 15 39.83 11.59 -6.56
CA ARG A 15 40.37 12.93 -6.41
C ARG A 15 39.65 13.91 -7.32
N LEU A 16 39.49 15.14 -6.83
CA LEU A 16 38.79 16.20 -7.55
C LEU A 16 39.69 17.43 -7.64
N ARG A 17 39.50 18.19 -8.72
CA ARG A 17 40.12 19.50 -8.88
C ARG A 17 39.03 20.52 -9.14
N GLY A 18 39.06 21.63 -8.38
CA GLY A 18 38.07 22.67 -8.47
C GLY A 18 38.61 23.94 -9.10
N ILE A 19 37.90 25.04 -8.85
CA ILE A 19 38.28 26.35 -9.35
C ILE A 19 38.18 27.38 -8.22
N ARG A 20 39.02 28.39 -8.32
CA ARG A 20 38.99 29.53 -7.40
C ARG A 20 38.15 30.62 -8.05
N LEU A 21 36.96 30.86 -7.49
CA LEU A 21 36.06 31.86 -8.04
C LEU A 21 36.24 33.21 -7.35
N LYS A 22 36.27 34.26 -8.15
CA LYS A 22 36.25 35.61 -7.64
C LYS A 22 34.84 35.98 -7.21
N THR A 23 34.73 36.65 -6.06
CA THR A 23 33.48 37.20 -5.58
C THR A 23 33.70 38.65 -5.20
N PRO A 24 32.63 39.45 -5.13
CA PRO A 24 32.74 40.83 -4.65
C PRO A 24 33.41 40.97 -3.29
N GLY A 25 33.63 39.87 -2.58
CA GLY A 25 34.22 39.96 -1.25
C GLY A 25 35.39 39.01 -1.01
N GLY A 26 36.04 38.57 -2.08
CA GLY A 26 37.18 37.69 -1.95
C GLY A 26 36.95 36.31 -2.53
N PRO A 27 37.98 35.48 -2.53
CA PRO A 27 37.92 34.23 -3.27
C PRO A 27 37.05 33.17 -2.60
N VAL A 28 36.56 32.26 -3.43
CA VAL A 28 35.79 31.11 -2.99
C VAL A 28 36.26 29.91 -3.82
N SER A 29 36.34 28.75 -3.18
CA SER A 29 36.67 27.50 -3.86
C SER A 29 35.37 26.80 -4.25
N ALA A 30 35.22 26.51 -5.53
CA ALA A 30 34.04 25.82 -6.05
C ALA A 30 34.46 24.51 -6.70
N PHE A 31 33.71 23.45 -6.40
CA PHE A 31 33.87 22.15 -7.02
C PHE A 31 32.53 21.84 -7.70
N LEU A 32 32.41 22.22 -8.97
CA LEU A 32 31.16 22.14 -9.71
C LEU A 32 31.15 20.89 -10.59
N GLY A 33 30.04 20.17 -10.56
CA GLY A 33 29.91 18.99 -11.39
C GLY A 33 30.58 17.76 -10.82
N ILE A 34 30.45 17.53 -9.52
CA ILE A 34 30.98 16.32 -8.89
C ILE A 34 30.02 15.17 -9.15
N PRO A 35 30.47 14.06 -9.73
CA PRO A 35 29.57 12.93 -9.95
C PRO A 35 29.29 12.22 -8.64
N PHE A 36 28.00 12.06 -8.32
CA PHE A 36 27.62 11.34 -7.11
C PHE A 36 26.85 10.06 -7.39
N ALA A 37 26.47 9.79 -8.64
CA ALA A 37 25.80 8.56 -9.00
C ALA A 37 26.23 8.12 -10.39
N GLU A 38 26.08 6.83 -10.65
CA GLU A 38 26.27 6.33 -12.00
C GLU A 38 25.23 6.95 -12.92
N PRO A 39 25.60 7.32 -14.13
CA PRO A 39 24.65 7.97 -15.05
C PRO A 39 23.43 7.11 -15.27
N PRO A 40 22.24 7.62 -14.97
CA PRO A 40 21.00 6.83 -15.12
C PRO A 40 20.56 6.68 -16.57
N MET A 41 21.45 6.12 -17.38
CA MET A 41 21.24 5.99 -18.82
C MET A 41 20.76 4.60 -19.18
N GLY A 42 20.05 4.52 -20.31
CA GLY A 42 19.67 3.25 -20.90
C GLY A 42 18.90 2.35 -19.96
N PRO A 43 19.51 1.22 -19.60
CA PRO A 43 18.85 0.29 -18.67
C PRO A 43 18.63 0.87 -17.27
N ARG A 44 19.37 1.91 -16.90
CA ARG A 44 19.22 2.52 -15.59
C ARG A 44 18.21 3.67 -15.57
N ARG A 45 17.58 3.96 -16.71
CA ARG A 45 16.47 4.91 -16.71
C ARG A 45 15.32 4.36 -15.87
N PHE A 46 14.75 5.22 -15.02
CA PHE A 46 13.70 4.93 -14.04
C PHE A 46 14.19 4.16 -12.82
N LEU A 47 15.45 3.73 -12.79
CA LEU A 47 15.93 2.98 -11.64
C LEU A 47 16.44 3.92 -10.55
N PRO A 48 16.47 3.45 -9.30
CA PRO A 48 17.13 4.23 -8.24
C PRO A 48 18.58 4.49 -8.59
N PRO A 49 19.19 5.53 -8.02
CA PRO A 49 20.56 5.86 -8.39
C PRO A 49 21.55 4.89 -7.80
N GLU A 50 22.51 4.47 -8.62
CA GLU A 50 23.65 3.72 -8.11
C GLU A 50 24.72 4.67 -7.63
N PRO A 51 25.33 4.42 -6.47
CA PRO A 51 26.45 5.27 -6.03
C PRO A 51 27.55 5.27 -7.07
N LYS A 52 28.22 6.41 -7.20
CA LYS A 52 29.26 6.56 -8.21
C LYS A 52 30.44 5.64 -7.89
N GLN A 53 30.86 4.86 -8.88
CA GLN A 53 31.99 3.97 -8.69
C GLN A 53 33.29 4.76 -8.64
N PRO A 54 34.26 4.30 -7.85
CA PRO A 54 35.52 5.05 -7.71
C PRO A 54 36.27 5.16 -9.02
N TRP A 55 37.15 6.15 -9.08
CA TRP A 55 37.90 6.47 -10.29
C TRP A 55 39.38 6.69 -9.95
N SER A 56 40.23 6.34 -10.90
CA SER A 56 41.63 6.72 -10.83
C SER A 56 41.84 8.09 -11.47
N GLY A 57 42.90 8.76 -11.05
CA GLY A 57 43.19 10.07 -11.57
C GLY A 57 42.37 11.16 -10.88
N VAL A 58 42.39 12.33 -11.52
CA VAL A 58 41.77 13.54 -10.96
C VAL A 58 40.58 13.92 -11.83
N VAL A 59 39.41 14.02 -11.22
CA VAL A 59 38.21 14.47 -11.90
C VAL A 59 38.14 15.99 -11.83
N ASP A 60 38.00 16.64 -12.97
CA ASP A 60 37.88 18.09 -13.02
C ASP A 60 36.45 18.49 -12.68
N ALA A 61 36.27 19.02 -11.48
CA ALA A 61 34.98 19.56 -11.07
C ALA A 61 35.02 21.10 -11.20
N THR A 62 35.03 21.55 -12.46
CA THR A 62 35.32 22.95 -12.75
C THR A 62 34.20 23.68 -13.48
N THR A 63 33.07 23.02 -13.78
CA THR A 63 31.93 23.71 -14.35
C THR A 63 30.67 22.91 -14.05
N PHE A 64 29.52 23.57 -14.22
CA PHE A 64 28.25 22.90 -14.02
C PHE A 64 28.04 21.83 -15.08
N GLN A 65 27.53 20.68 -14.65
CA GLN A 65 27.24 19.59 -15.57
C GLN A 65 25.83 19.74 -16.14
N SER A 66 25.41 18.75 -16.91
CA SER A 66 24.18 18.86 -17.70
C SER A 66 22.94 18.95 -16.82
N VAL A 67 21.93 19.63 -17.34
CA VAL A 67 20.61 19.69 -16.72
C VAL A 67 19.85 18.41 -17.04
N CYS A 68 19.17 17.86 -16.05
CA CYS A 68 18.35 16.68 -16.29
C CYS A 68 17.24 17.00 -17.27
N TYR A 69 16.92 16.05 -18.14
CA TYR A 69 15.94 16.26 -19.20
C TYR A 69 14.62 16.79 -18.64
N GLN A 70 14.10 17.84 -19.28
CA GLN A 70 12.91 18.50 -18.78
C GLN A 70 12.28 19.34 -19.88
N TYR A 71 11.01 19.65 -19.68
CA TYR A 71 10.29 20.56 -20.55
C TYR A 71 10.80 21.98 -20.36
N VAL A 72 10.77 22.76 -21.44
CA VAL A 72 11.31 24.11 -21.46
C VAL A 72 10.17 25.10 -21.62
N ASP A 73 10.01 25.97 -20.64
CA ASP A 73 8.99 27.03 -20.66
C ASP A 73 9.14 27.89 -21.89
N THR A 74 8.01 28.17 -22.57
CA THR A 74 8.01 28.99 -23.78
C THR A 74 6.92 30.05 -23.75
N LEU A 75 6.36 30.35 -22.58
CA LEU A 75 5.22 31.27 -22.51
C LEU A 75 5.60 32.65 -23.02
N TYR A 76 6.73 33.19 -22.58
CA TYR A 76 7.19 34.52 -22.95
C TYR A 76 8.65 34.40 -23.41
N PRO A 77 8.89 34.00 -24.66
CA PRO A 77 10.26 33.73 -25.10
C PRO A 77 11.12 34.99 -25.09
N GLY A 78 12.30 34.89 -24.46
CA GLY A 78 13.20 36.00 -24.29
C GLY A 78 13.00 36.81 -23.03
N PHE A 79 11.89 36.61 -22.34
CA PHE A 79 11.55 37.35 -21.13
C PHE A 79 12.35 36.81 -19.95
N GLU A 80 13.00 37.71 -19.21
CA GLU A 80 13.88 37.28 -18.12
C GLU A 80 13.08 36.54 -17.04
N GLY A 81 11.84 36.97 -16.81
CA GLY A 81 11.05 36.36 -15.73
C GLY A 81 10.82 34.88 -15.90
N THR A 82 10.84 34.39 -17.15
CA THR A 82 10.66 32.97 -17.42
C THR A 82 11.97 32.29 -17.81
N GLU A 83 12.82 32.96 -18.59
CA GLU A 83 14.07 32.34 -19.04
C GLU A 83 15.05 32.11 -17.90
N MET A 84 14.92 32.86 -16.80
CA MET A 84 15.84 32.70 -15.67
C MET A 84 15.67 31.35 -14.98
N TRP A 85 14.53 30.68 -15.17
CA TRP A 85 14.29 29.36 -14.61
C TRP A 85 14.55 28.23 -15.59
N ASN A 86 14.77 28.56 -16.86
CA ASN A 86 14.98 27.56 -17.91
C ASN A 86 16.39 27.01 -17.85
N PRO A 87 16.63 25.85 -18.47
CA PRO A 87 17.97 25.24 -18.40
C PRO A 87 19.04 26.15 -19.00
N ASN A 88 20.19 26.21 -18.33
CA ASN A 88 21.34 26.95 -18.83
C ASN A 88 22.52 26.03 -19.13
N ARG A 89 22.25 24.72 -19.23
CA ARG A 89 23.20 23.75 -19.75
C ARG A 89 22.46 22.82 -20.68
N GLU A 90 23.21 22.05 -21.47
CA GLU A 90 22.58 21.10 -22.37
C GLU A 90 21.81 20.05 -21.58
N LEU A 91 20.71 19.57 -22.15
CA LEU A 91 19.91 18.55 -21.50
C LEU A 91 20.53 17.18 -21.72
N SER A 92 20.58 16.38 -20.65
CA SER A 92 21.09 15.03 -20.73
C SER A 92 20.48 14.20 -19.61
N GLU A 93 20.34 12.90 -19.87
CA GLU A 93 20.01 11.99 -18.77
C GLU A 93 21.22 11.77 -17.87
N ASP A 94 22.42 11.96 -18.40
CA ASP A 94 23.65 11.99 -17.62
C ASP A 94 23.70 13.34 -16.89
N CYS A 95 23.11 13.38 -15.70
CA CYS A 95 22.90 14.66 -15.03
C CYS A 95 23.04 14.60 -13.51
N LEU A 96 23.47 13.48 -12.93
CA LEU A 96 23.48 13.35 -11.47
C LEU A 96 24.82 13.83 -10.93
N TYR A 97 24.93 15.15 -10.81
CA TYR A 97 26.13 15.81 -10.31
C TYR A 97 25.74 16.81 -9.23
N LEU A 98 26.67 17.07 -8.32
CA LEU A 98 26.45 18.04 -7.26
C LEU A 98 27.61 19.03 -7.20
N ASN A 99 27.38 20.12 -6.48
CA ASN A 99 28.31 21.25 -6.42
C ASN A 99 28.62 21.57 -4.98
N VAL A 100 29.89 21.90 -4.70
CA VAL A 100 30.34 22.30 -3.37
C VAL A 100 31.05 23.63 -3.48
N TRP A 101 30.57 24.63 -2.74
CA TRP A 101 31.27 25.89 -2.54
C TRP A 101 31.83 25.93 -1.14
N THR A 102 33.09 26.32 -1.01
CA THR A 102 33.75 26.37 0.28
C THR A 102 34.68 27.58 0.32
N PRO A 103 34.94 28.13 1.51
CA PRO A 103 35.82 29.31 1.60
C PRO A 103 37.23 29.03 1.12
N TYR A 104 37.91 30.12 0.75
CA TYR A 104 39.30 30.07 0.27
C TYR A 104 40.13 30.99 1.15
N PRO A 105 41.03 30.47 2.01
CA PRO A 105 41.37 29.06 2.15
C PRO A 105 40.31 28.19 2.83
N ARG A 106 40.43 26.88 2.62
CA ARG A 106 39.51 25.91 3.20
C ARG A 106 39.43 26.11 4.72
N PRO A 107 38.25 25.96 5.31
CA PRO A 107 38.14 26.08 6.78
C PRO A 107 39.06 25.09 7.47
N THR A 108 39.59 25.50 8.61
CA THR A 108 40.40 24.61 9.43
C THR A 108 39.52 23.77 10.36
N SER A 109 38.60 24.43 11.09
CA SER A 109 37.59 23.83 11.95
C SER A 109 36.31 23.56 11.16
N PRO A 110 35.60 22.48 11.49
CA PRO A 110 34.40 22.13 10.72
C PRO A 110 33.38 23.25 10.66
N THR A 111 32.79 23.43 9.48
CA THR A 111 31.91 24.53 9.14
C THR A 111 30.51 24.01 8.78
N PRO A 112 29.45 24.67 9.24
CA PRO A 112 28.10 24.19 8.94
C PRO A 112 27.78 24.23 7.45
N VAL A 113 26.96 23.29 7.02
CA VAL A 113 26.67 23.04 5.61
C VAL A 113 25.22 23.43 5.33
N LEU A 114 25.01 24.15 4.23
CA LEU A 114 23.68 24.40 3.67
C LEU A 114 23.54 23.61 2.38
N VAL A 115 22.48 22.81 2.28
CA VAL A 115 22.23 21.99 1.10
C VAL A 115 20.97 22.51 0.42
N TRP A 116 21.12 22.94 -0.83
CA TRP A 116 20.02 23.52 -1.60
C TRP A 116 19.37 22.47 -2.49
N ILE A 117 18.04 22.48 -2.54
CA ILE A 117 17.26 21.62 -3.43
C ILE A 117 16.34 22.52 -4.23
N TYR A 118 16.56 22.57 -5.55
CA TYR A 118 15.79 23.49 -6.39
C TYR A 118 14.36 23.00 -6.58
N GLY A 119 13.49 23.94 -6.93
CA GLY A 119 12.13 23.65 -7.29
C GLY A 119 11.96 23.53 -8.80
N GLY A 120 10.71 23.58 -9.23
CA GLY A 120 10.39 23.42 -10.63
C GLY A 120 9.26 22.43 -10.86
N GLY A 121 8.39 22.28 -9.86
CA GLY A 121 7.23 21.42 -9.98
C GLY A 121 7.53 19.96 -10.21
N PHE A 122 8.73 19.50 -9.84
CA PHE A 122 9.18 18.12 -10.03
C PHE A 122 9.30 17.74 -11.50
N TYR A 123 9.09 18.70 -12.42
CA TYR A 123 9.29 18.45 -13.83
C TYR A 123 10.40 19.32 -14.44
N SER A 124 11.02 20.21 -13.66
CA SER A 124 12.00 21.12 -14.21
C SER A 124 12.91 21.60 -13.09
N GLY A 125 13.96 22.30 -13.48
CA GLY A 125 14.92 22.86 -12.54
C GLY A 125 16.34 22.38 -12.82
N ALA A 126 17.28 23.04 -12.14
CA ALA A 126 18.69 22.70 -12.24
C ALA A 126 19.43 23.44 -11.13
N SER A 127 20.49 22.80 -10.64
CA SER A 127 21.34 23.43 -9.64
C SER A 127 22.24 24.50 -10.24
N SER A 128 22.27 24.63 -11.57
CA SER A 128 23.19 25.51 -12.27
C SER A 128 22.59 26.88 -12.59
N LEU A 129 21.34 27.13 -12.24
CA LEU A 129 20.74 28.42 -12.51
C LEU A 129 21.52 29.53 -11.83
N ASP A 130 21.65 30.67 -12.52
CA ASP A 130 22.42 31.80 -11.98
C ASP A 130 21.93 32.18 -10.59
N VAL A 131 20.63 32.07 -10.36
CA VAL A 131 20.00 32.56 -9.14
C VAL A 131 20.26 31.61 -7.98
N TYR A 132 20.93 30.49 -8.25
CA TYR A 132 21.31 29.55 -7.20
C TYR A 132 22.81 29.55 -6.93
N ASP A 133 23.53 30.55 -7.45
CA ASP A 133 24.98 30.63 -7.26
C ASP A 133 25.33 30.71 -5.78
N GLY A 134 26.03 29.70 -5.27
CA GLY A 134 26.38 29.64 -3.86
C GLY A 134 27.58 30.46 -3.44
N ARG A 135 28.26 31.13 -4.38
CA ARG A 135 29.50 31.82 -4.05
C ARG A 135 29.28 32.98 -3.10
N PHE A 136 28.13 33.64 -3.16
CA PHE A 136 27.90 34.80 -2.30
C PHE A 136 27.59 34.38 -0.88
N LEU A 137 26.75 33.36 -0.70
CA LEU A 137 26.46 32.86 0.63
C LEU A 137 27.73 32.39 1.33
N VAL A 138 28.56 31.61 0.62
CA VAL A 138 29.79 31.09 1.21
C VAL A 138 30.73 32.25 1.57
N GLN A 139 30.91 33.19 0.64
CA GLN A 139 31.79 34.32 0.89
C GLN A 139 31.31 35.13 2.10
N ALA A 140 30.03 35.49 2.11
CA ALA A 140 29.54 36.44 3.11
C ALA A 140 29.44 35.81 4.50
N GLU A 141 29.15 34.52 4.58
CA GLU A 141 28.79 33.91 5.85
C GLU A 141 29.68 32.74 6.28
N ARG A 142 30.71 32.43 5.50
CA ARG A 142 31.61 31.31 5.78
C ARG A 142 30.82 30.05 6.16
N THR A 143 30.22 29.48 5.13
CA THR A 143 29.55 28.20 5.22
C THR A 143 30.02 27.36 4.05
N VAL A 144 29.76 26.06 4.12
CA VAL A 144 29.85 25.21 2.95
C VAL A 144 28.45 25.10 2.36
N LEU A 145 28.33 25.35 1.06
CA LEU A 145 27.06 25.23 0.36
C LEU A 145 27.15 24.09 -0.64
N VAL A 146 26.14 23.23 -0.64
CA VAL A 146 26.04 22.13 -1.59
C VAL A 146 24.69 22.22 -2.29
N SER A 147 24.71 21.97 -3.59
CA SER A 147 23.48 21.80 -4.36
C SER A 147 23.67 20.62 -5.30
N MET A 148 22.58 19.92 -5.56
CA MET A 148 22.63 18.73 -6.40
C MET A 148 21.58 18.80 -7.49
N ASN A 149 21.86 18.12 -8.59
CA ASN A 149 20.86 17.86 -9.62
C ASN A 149 20.13 16.56 -9.28
N TYR A 150 18.84 16.53 -9.57
CA TYR A 150 18.04 15.33 -9.36
C TYR A 150 17.05 15.20 -10.51
N ARG A 151 16.72 13.95 -10.84
CA ARG A 151 15.88 13.70 -12.01
C ARG A 151 14.47 14.22 -11.80
N VAL A 152 13.91 14.80 -12.87
CA VAL A 152 12.59 15.40 -12.84
C VAL A 152 11.75 14.78 -13.95
N GLY A 153 10.45 15.10 -13.93
CA GLY A 153 9.54 14.59 -14.93
C GLY A 153 9.37 13.09 -14.83
N ALA A 154 9.15 12.46 -15.99
CA ALA A 154 9.01 11.01 -16.04
C ALA A 154 10.29 10.32 -15.57
N PHE A 155 11.44 10.92 -15.87
CA PHE A 155 12.72 10.31 -15.54
C PHE A 155 12.96 10.22 -14.04
N GLY A 156 12.29 11.05 -13.25
CA GLY A 156 12.51 11.05 -11.83
C GLY A 156 11.32 10.56 -11.02
N PHE A 157 10.13 10.56 -11.62
CA PHE A 157 8.94 10.32 -10.83
C PHE A 157 7.84 9.54 -11.53
N LEU A 158 8.03 9.06 -12.76
CA LEU A 158 7.13 8.08 -13.32
C LEU A 158 7.15 6.82 -12.46
N ALA A 159 5.99 6.40 -12.00
CA ALA A 159 5.90 5.27 -11.09
C ALA A 159 4.94 4.22 -11.63
N LEU A 160 5.42 2.99 -11.77
CA LEU A 160 4.58 1.80 -11.86
C LEU A 160 4.68 1.13 -10.50
N PRO A 161 3.87 1.54 -9.52
CA PRO A 161 4.10 1.11 -8.14
C PRO A 161 4.07 -0.41 -8.00
N GLY A 162 4.96 -0.91 -7.14
CA GLY A 162 5.15 -2.33 -6.96
C GLY A 162 6.23 -2.92 -7.85
N SER A 163 6.40 -2.39 -9.05
CA SER A 163 7.40 -2.90 -9.98
C SER A 163 8.81 -2.52 -9.53
N ARG A 164 9.79 -3.30 -10.00
CA ARG A 164 11.18 -3.01 -9.72
C ARG A 164 11.86 -2.19 -10.82
N GLU A 165 11.28 -2.17 -12.01
CA GLU A 165 11.87 -1.45 -13.14
C GLU A 165 11.49 0.03 -13.16
N ALA A 166 10.48 0.44 -12.40
CA ALA A 166 10.13 1.85 -12.26
C ALA A 166 9.40 2.05 -10.93
N PRO A 167 10.11 1.87 -9.81
CA PRO A 167 9.44 1.95 -8.51
C PRO A 167 8.95 3.34 -8.14
N GLY A 168 9.34 4.37 -8.89
CA GLY A 168 8.95 5.73 -8.58
C GLY A 168 9.85 6.35 -7.54
N ASN A 169 9.66 7.67 -7.36
CA ASN A 169 10.40 8.47 -6.38
C ASN A 169 11.91 8.39 -6.55
N VAL A 170 12.40 8.05 -7.74
CA VAL A 170 13.85 7.97 -7.91
C VAL A 170 14.47 9.36 -7.85
N GLY A 171 13.74 10.39 -8.27
CA GLY A 171 14.23 11.74 -8.10
C GLY A 171 14.49 12.09 -6.65
N LEU A 172 13.65 11.59 -5.74
CA LEU A 172 13.89 11.79 -4.32
C LEU A 172 15.07 10.96 -3.84
N LEU A 173 15.24 9.76 -4.39
CA LEU A 173 16.40 8.95 -4.05
C LEU A 173 17.69 9.57 -4.55
N ASP A 174 17.63 10.26 -5.70
CA ASP A 174 18.76 11.06 -6.15
C ASP A 174 19.16 12.07 -5.08
N GLN A 175 18.17 12.77 -4.52
CA GLN A 175 18.46 13.75 -3.48
C GLN A 175 19.03 13.09 -2.24
N ARG A 176 18.47 11.93 -1.84
CA ARG A 176 18.99 11.24 -0.67
C ARG A 176 20.41 10.77 -0.87
N LEU A 177 20.72 10.28 -2.07
CA LEU A 177 22.09 9.86 -2.36
C LEU A 177 23.06 11.03 -2.23
N ALA A 178 22.67 12.21 -2.71
CA ALA A 178 23.51 13.39 -2.55
C ALA A 178 23.69 13.73 -1.07
N LEU A 179 22.62 13.61 -0.28
CA LEU A 179 22.74 13.85 1.15
C LEU A 179 23.68 12.86 1.80
N GLN A 180 23.63 11.59 1.38
CA GLN A 180 24.58 10.61 1.87
C GLN A 180 26.00 10.98 1.48
N TRP A 181 26.19 11.40 0.23
CA TRP A 181 27.51 11.88 -0.22
C TRP A 181 28.02 12.98 0.70
N VAL A 182 27.13 13.90 1.11
CA VAL A 182 27.55 15.00 1.98
C VAL A 182 28.04 14.46 3.32
N GLN A 183 27.38 13.43 3.85
CA GLN A 183 27.80 12.86 5.12
C GLN A 183 29.18 12.23 5.02
N GLU A 184 29.45 11.51 3.92
CA GLU A 184 30.71 10.82 3.78
C GLU A 184 31.87 11.74 3.37
N ASN A 185 31.57 12.92 2.79
CA ASN A 185 32.60 13.66 2.06
C ASN A 185 32.68 15.15 2.34
N VAL A 186 31.69 15.76 3.01
CA VAL A 186 31.74 17.21 3.17
C VAL A 186 32.88 17.65 4.10
N ALA A 187 33.38 16.74 4.94
CA ALA A 187 34.49 17.10 5.81
C ALA A 187 35.75 17.38 5.02
N ALA A 188 35.95 16.66 3.90
CA ALA A 188 37.11 16.88 3.05
C ALA A 188 37.18 18.30 2.51
N PHE A 189 36.05 19.03 2.52
CA PHE A 189 35.99 20.41 2.08
C PHE A 189 35.96 21.38 3.25
N GLY A 190 36.11 20.89 4.48
CA GLY A 190 35.99 21.72 5.65
C GLY A 190 34.61 21.80 6.25
N GLY A 191 33.64 21.04 5.71
CA GLY A 191 32.29 21.10 6.22
C GLY A 191 32.06 20.20 7.41
N ASP A 192 31.03 20.53 8.18
CA ASP A 192 30.68 19.82 9.40
C ASP A 192 29.49 18.91 9.12
N PRO A 193 29.69 17.59 9.00
CA PRO A 193 28.56 16.69 8.75
C PRO A 193 27.60 16.55 9.92
N THR A 194 27.91 17.11 11.09
CA THR A 194 26.98 17.14 12.20
C THR A 194 26.15 18.41 12.24
N SER A 195 26.25 19.27 11.21
CA SER A 195 25.48 20.51 11.12
C SER A 195 25.12 20.72 9.64
N VAL A 196 24.10 20.00 9.18
CA VAL A 196 23.67 20.05 7.79
C VAL A 196 22.24 20.58 7.76
N THR A 197 22.05 21.72 7.08
CA THR A 197 20.76 22.40 6.99
C THR A 197 20.24 22.31 5.56
N LEU A 198 19.19 21.52 5.35
CA LEU A 198 18.53 21.49 4.06
C LEU A 198 17.74 22.77 3.85
N PHE A 199 17.79 23.31 2.64
CA PHE A 199 16.86 24.37 2.28
C PHE A 199 16.54 24.29 0.79
N GLY A 200 15.31 24.67 0.48
CA GLY A 200 14.77 24.52 -0.87
C GLY A 200 13.53 25.36 -1.01
N GLU A 201 13.06 25.46 -2.26
CA GLU A 201 11.98 26.37 -2.57
C GLU A 201 10.98 25.68 -3.49
N SER A 202 9.68 25.98 -3.29
CA SER A 202 8.59 25.35 -4.01
C SER A 202 8.68 23.83 -3.91
N ALA A 203 8.75 23.15 -5.05
CA ALA A 203 8.93 21.70 -5.04
C ALA A 203 10.21 21.32 -4.30
N GLY A 204 11.20 22.22 -4.27
CA GLY A 204 12.36 21.99 -3.43
C GLY A 204 12.01 21.96 -1.96
N ALA A 205 11.15 22.88 -1.53
CA ALA A 205 10.69 22.89 -0.14
C ALA A 205 9.86 21.65 0.16
N ALA A 206 8.99 21.26 -0.77
CA ALA A 206 8.25 20.01 -0.62
C ALA A 206 9.20 18.83 -0.51
N SER A 207 10.26 18.82 -1.32
CA SER A 207 11.26 17.77 -1.22
C SER A 207 11.91 17.77 0.16
N VAL A 208 12.26 18.95 0.66
CA VAL A 208 12.87 19.06 1.98
C VAL A 208 11.95 18.49 3.05
N GLY A 209 10.65 18.73 2.91
CA GLY A 209 9.70 18.20 3.89
C GLY A 209 9.59 16.69 3.84
N MET A 210 9.62 16.11 2.63
CA MET A 210 9.54 14.66 2.52
C MET A 210 10.75 13.97 3.13
N HIS A 211 11.92 14.63 3.12
CA HIS A 211 13.08 14.09 3.82
C HIS A 211 12.89 14.16 5.33
N LEU A 212 12.16 15.17 5.82
CA LEU A 212 11.81 15.23 7.23
C LEU A 212 10.95 14.04 7.63
N LEU A 213 10.03 13.64 6.75
CA LEU A 213 9.05 12.61 7.05
C LEU A 213 9.44 11.24 6.51
N SER A 214 10.67 11.08 6.07
CA SER A 214 11.20 9.78 5.66
C SER A 214 12.38 9.43 6.54
N PRO A 215 12.25 8.46 7.44
CA PRO A 215 13.30 8.21 8.46
C PRO A 215 14.68 7.95 7.86
N PRO A 216 14.80 7.20 6.76
CA PRO A 216 16.14 7.02 6.18
C PRO A 216 16.83 8.33 5.83
N SER A 217 16.09 9.35 5.38
CA SER A 217 16.69 10.64 5.09
C SER A 217 16.91 11.47 6.35
N ARG A 218 16.06 11.31 7.37
CA ARG A 218 16.08 12.18 8.53
C ARG A 218 17.38 12.09 9.32
N GLY A 219 18.16 11.02 9.14
CA GLY A 219 19.44 10.94 9.80
C GLY A 219 20.57 11.68 9.12
N LEU A 220 20.31 12.26 7.94
CA LEU A 220 21.34 12.88 7.13
C LEU A 220 21.41 14.40 7.27
N PHE A 221 20.50 15.00 8.02
CA PHE A 221 20.53 16.44 8.24
C PHE A 221 19.97 16.74 9.62
N HIS A 222 20.04 18.01 10.01
CA HIS A 222 19.69 18.42 11.36
C HIS A 222 18.74 19.61 11.40
N ARG A 223 18.59 20.36 10.31
CA ARG A 223 17.70 21.51 10.27
C ARG A 223 17.16 21.65 8.86
N ALA A 224 16.02 22.32 8.74
CA ALA A 224 15.32 22.41 7.47
C ALA A 224 14.80 23.83 7.26
N VAL A 225 14.79 24.26 6.00
CA VAL A 225 14.19 25.53 5.59
C VAL A 225 13.28 25.24 4.41
N LEU A 226 12.02 25.67 4.53
CA LEU A 226 11.00 25.44 3.51
C LEU A 226 10.50 26.79 3.02
N GLN A 227 10.86 27.13 1.78
CA GLN A 227 10.50 28.42 1.18
C GLN A 227 9.41 28.18 0.14
N SER A 228 8.20 28.66 0.43
CA SER A 228 7.08 28.66 -0.51
C SER A 228 6.77 27.24 -1.00
N GLY A 229 6.77 26.28 -0.09
CA GLY A 229 6.45 24.91 -0.45
C GLY A 229 6.39 24.03 0.78
N ALA A 230 5.63 22.95 0.65
CA ALA A 230 5.44 22.01 1.75
C ALA A 230 5.15 20.64 1.17
N PRO A 231 5.53 19.56 1.86
CA PRO A 231 5.22 18.21 1.36
C PRO A 231 3.73 17.93 1.30
N ASN A 232 2.92 18.64 2.08
CA ASN A 232 1.49 18.38 2.13
C ASN A 232 0.69 19.19 1.11
N GLY A 233 1.37 19.94 0.24
CA GLY A 233 0.69 20.71 -0.77
C GLY A 233 -0.08 19.81 -1.73
N PRO A 234 -1.20 20.32 -2.25
CA PRO A 234 -2.05 19.49 -3.12
C PRO A 234 -1.37 19.04 -4.40
N TRP A 235 -0.28 19.68 -4.81
CA TRP A 235 0.41 19.35 -6.04
C TRP A 235 1.61 18.44 -5.81
N ALA A 236 2.02 18.21 -4.57
CA ALA A 236 3.32 17.64 -4.28
C ALA A 236 3.35 16.12 -4.30
N THR A 237 2.22 15.44 -4.10
CA THR A 237 2.19 13.99 -4.08
C THR A 237 1.06 13.48 -4.95
N VAL A 238 1.00 12.15 -5.08
CA VAL A 238 0.00 11.47 -5.89
C VAL A 238 -0.15 10.06 -5.36
N GLY A 239 -1.36 9.51 -5.48
CA GLY A 239 -1.60 8.14 -5.07
C GLY A 239 -1.09 7.14 -6.07
N MET A 240 -0.90 5.89 -5.59
CA MET A 240 -0.31 4.85 -6.44
C MET A 240 -1.17 4.59 -7.67
N GLY A 241 -2.49 4.48 -7.49
CA GLY A 241 -3.36 4.23 -8.62
C GLY A 241 -3.27 5.30 -9.68
N GLU A 242 -3.21 6.57 -9.25
CA GLU A 242 -3.12 7.66 -10.21
C GLU A 242 -1.73 7.72 -10.86
N ALA A 243 -0.69 7.44 -10.08
CA ALA A 243 0.66 7.37 -10.64
C ALA A 243 0.73 6.30 -11.72
N ARG A 244 0.15 5.12 -11.45
CA ARG A 244 0.14 4.06 -12.45
C ARG A 244 -0.66 4.47 -13.68
N ARG A 245 -1.78 5.17 -13.47
CA ARG A 245 -2.59 5.60 -14.60
C ARG A 245 -1.82 6.59 -15.47
N ARG A 246 -1.14 7.56 -14.85
CA ARG A 246 -0.38 8.54 -15.62
C ARG A 246 0.80 7.88 -16.34
N ALA A 247 1.51 6.99 -15.66
CA ALA A 247 2.60 6.26 -16.31
C ALA A 247 2.10 5.44 -17.49
N THR A 248 0.96 4.77 -17.32
CA THR A 248 0.42 3.93 -18.40
C THR A 248 -0.06 4.79 -19.57
N GLN A 249 -0.65 5.95 -19.28
CA GLN A 249 -1.10 6.82 -20.37
C GLN A 249 0.08 7.40 -21.14
N LEU A 250 1.16 7.76 -20.44
CA LEU A 250 2.35 8.23 -21.14
C LEU A 250 2.92 7.15 -22.03
N ALA A 251 3.11 5.94 -21.47
CA ALA A 251 3.58 4.82 -22.27
C ALA A 251 2.69 4.59 -23.48
N HIS A 252 1.37 4.61 -23.27
CA HIS A 252 0.45 4.46 -24.39
C HIS A 252 0.62 5.56 -25.42
N LEU A 253 0.82 6.80 -24.96
CA LEU A 253 0.97 7.93 -25.87
C LEU A 253 2.21 7.82 -26.74
N VAL A 254 3.22 7.06 -26.31
CA VAL A 254 4.46 6.92 -27.05
C VAL A 254 4.62 5.51 -27.61
N GLY A 255 3.60 4.67 -27.51
CA GLY A 255 3.58 3.38 -28.16
C GLY A 255 3.96 2.18 -27.32
N CYS A 256 3.76 2.24 -26.00
CA CYS A 256 4.14 1.14 -25.11
C CYS A 256 2.95 0.74 -24.26
N PRO A 257 2.55 -0.54 -24.25
CA PRO A 257 3.18 -1.55 -25.10
C PRO A 257 2.62 -1.49 -26.51
N PRO A 258 3.32 -2.08 -27.49
CA PRO A 258 2.80 -2.06 -28.86
C PRO A 258 1.87 -3.24 -29.14
N THR A 261 -3.54 0.34 -22.00
CA THR A 261 -2.91 -0.98 -21.96
C THR A 261 -1.57 -1.00 -21.27
N GLY A 262 -1.41 -1.91 -20.33
CA GLY A 262 -0.17 -2.01 -19.62
C GLY A 262 0.45 -3.37 -19.77
N GLY A 263 -0.17 -4.35 -19.16
CA GLY A 263 0.30 -5.71 -19.20
C GLY A 263 1.45 -5.86 -18.26
N ASN A 264 2.42 -6.61 -18.67
CA ASN A 264 3.64 -6.78 -17.89
C ASN A 264 4.33 -5.45 -17.68
N ASP A 265 4.68 -5.14 -16.43
CA ASP A 265 5.39 -3.89 -16.16
C ASP A 265 6.79 -3.91 -16.73
N THR A 266 7.51 -5.03 -16.56
CA THR A 266 8.85 -5.15 -17.13
C THR A 266 8.84 -4.95 -18.63
N GLU A 267 7.88 -5.57 -19.32
CA GLU A 267 7.71 -5.32 -20.74
C GLU A 267 7.40 -3.85 -21.02
N LEU A 268 6.62 -3.22 -20.14
CA LEU A 268 6.19 -1.84 -20.37
C LEU A 268 7.35 -0.87 -20.25
N VAL A 269 8.12 -0.97 -19.16
CA VAL A 269 9.24 -0.06 -18.95
C VAL A 269 10.29 -0.24 -20.04
N ALA A 270 10.60 -1.50 -20.37
CA ALA A 270 11.61 -1.78 -21.39
C ALA A 270 11.26 -1.11 -22.70
N CYS A 271 9.97 -1.01 -23.04
CA CYS A 271 9.58 -0.27 -24.23
C CYS A 271 9.78 1.22 -24.02
N LEU A 272 9.49 1.73 -22.81
CA LEU A 272 9.73 3.14 -22.52
C LEU A 272 11.22 3.46 -22.61
N ARG A 273 12.08 2.55 -22.15
CA ARG A 273 13.52 2.82 -22.12
C ARG A 273 14.11 2.91 -23.51
N THR A 274 13.42 2.44 -24.54
CA THR A 274 13.87 2.62 -25.93
C THR A 274 13.37 3.93 -26.53
N ARG A 275 12.58 4.71 -25.80
CA ARG A 275 12.15 5.96 -26.40
C ARG A 275 13.18 7.05 -26.12
N PRO A 276 13.44 7.92 -27.11
CA PRO A 276 14.34 9.05 -26.86
C PRO A 276 13.79 9.95 -25.76
N ALA A 277 14.69 10.43 -24.90
CA ALA A 277 14.29 11.25 -23.76
C ALA A 277 13.39 12.40 -24.19
N GLN A 278 13.72 13.06 -25.29
CA GLN A 278 12.93 14.20 -25.75
C GLN A 278 11.50 13.77 -26.08
N VAL A 279 11.30 12.55 -26.57
CA VAL A 279 9.96 12.08 -26.88
C VAL A 279 9.10 12.02 -25.62
N LEU A 280 9.64 11.44 -24.55
CA LEU A 280 8.92 11.39 -23.28
C LEU A 280 8.55 12.79 -22.81
N VAL A 281 9.51 13.72 -22.88
CA VAL A 281 9.26 15.10 -22.49
C VAL A 281 8.13 15.70 -23.31
N ASN A 282 8.14 15.46 -24.62
CA ASN A 282 7.18 16.10 -25.51
C ASN A 282 5.75 15.62 -25.30
N HIS A 283 5.56 14.43 -24.72
CA HIS A 283 4.23 13.91 -24.43
C HIS A 283 3.88 14.02 -22.96
N GLU A 284 4.73 14.66 -22.16
CA GLU A 284 4.59 14.61 -20.70
C GLU A 284 3.28 15.24 -20.23
N TRP A 285 2.96 16.42 -20.75
CA TRP A 285 1.82 17.15 -20.22
C TRP A 285 0.48 16.63 -20.74
N HIS A 286 0.47 15.77 -21.75
CA HIS A 286 -0.78 15.22 -22.26
C HIS A 286 -1.43 14.22 -21.30
N VAL A 287 -0.70 13.74 -20.29
CA VAL A 287 -1.20 12.65 -19.45
C VAL A 287 -2.13 13.15 -18.37
N LEU A 288 -2.49 14.45 -18.41
CA LEU A 288 -3.23 14.93 -17.26
C LEU A 288 -4.71 15.07 -17.57
N PRO A 289 -5.58 14.91 -16.56
CA PRO A 289 -7.02 15.17 -16.67
C PRO A 289 -7.36 16.66 -16.65
N GLU A 291 -5.90 21.57 -19.51
CA GLU A 291 -6.71 20.98 -18.47
C GLU A 291 -6.79 21.90 -17.25
N SER A 292 -5.65 22.48 -16.90
CA SER A 292 -5.54 23.44 -15.81
C SER A 292 -4.12 23.96 -15.78
N VAL A 293 -3.83 24.79 -14.78
CA VAL A 293 -2.46 25.05 -14.37
C VAL A 293 -2.15 24.05 -13.26
N PHE A 294 -0.98 24.22 -12.68
CA PHE A 294 -0.64 23.55 -11.45
C PHE A 294 -0.44 22.09 -11.29
N ARG A 295 -1.44 21.31 -11.59
CA ARG A 295 -1.27 19.88 -11.44
C ARG A 295 -0.16 19.41 -12.38
N PHE A 296 0.85 18.75 -11.81
CA PHE A 296 1.98 18.26 -12.59
C PHE A 296 1.90 16.74 -12.75
N SER A 297 2.42 16.27 -13.89
CA SER A 297 2.20 14.89 -14.30
C SER A 297 2.88 13.91 -13.33
N PHE A 298 4.18 14.04 -13.14
CA PHE A 298 4.94 13.06 -12.38
C PHE A 298 5.56 13.73 -11.15
N VAL A 299 5.09 13.34 -9.98
CA VAL A 299 5.48 13.91 -8.70
C VAL A 299 5.74 12.76 -7.74
N PRO A 300 6.28 12.99 -6.55
CA PRO A 300 6.44 11.89 -5.58
C PRO A 300 5.13 11.14 -5.36
N VAL A 301 5.23 9.83 -5.26
CA VAL A 301 4.09 8.96 -5.04
C VAL A 301 4.09 8.49 -3.59
N VAL A 302 2.92 8.52 -2.96
CA VAL A 302 2.75 7.92 -1.64
C VAL A 302 2.53 6.43 -1.85
N ASP A 303 3.55 5.62 -1.55
CA ASP A 303 3.52 4.19 -1.86
C ASP A 303 3.97 3.32 -0.70
N GLY A 304 4.08 3.87 0.51
CA GLY A 304 4.49 3.11 1.67
C GLY A 304 5.99 2.95 1.83
N ASP A 305 6.79 3.23 0.83
CA ASP A 305 8.22 3.04 0.95
C ASP A 305 8.93 4.33 1.31
N PHE A 306 9.19 5.21 0.37
CA PHE A 306 9.81 6.49 0.74
C PHE A 306 8.91 7.25 1.69
N LEU A 307 7.61 7.27 1.43
CA LEU A 307 6.62 7.87 2.33
C LEU A 307 5.70 6.75 2.81
N SER A 308 5.81 6.40 4.09
CA SER A 308 5.01 5.30 4.63
C SER A 308 3.53 5.65 4.68
N ASP A 309 3.21 6.93 4.80
CA ASP A 309 1.83 7.41 4.73
C ASP A 309 1.82 8.72 3.95
N THR A 310 0.64 9.31 3.81
CA THR A 310 0.55 10.62 3.20
C THR A 310 1.32 11.64 4.04
N PRO A 311 1.84 12.70 3.42
CA PRO A 311 2.58 13.71 4.22
C PRO A 311 1.79 14.32 5.37
N GLU A 312 0.48 14.54 5.21
CA GLU A 312 -0.30 15.14 6.30
C GLU A 312 -0.56 14.12 7.40
N ALA A 313 -0.66 12.83 7.06
CA ALA A 313 -0.70 11.81 8.10
C ALA A 313 0.62 11.77 8.88
N LEU A 314 1.75 11.78 8.16
CA LEU A 314 3.04 11.75 8.82
C LEU A 314 3.30 13.01 9.63
N ILE A 315 2.78 14.16 9.17
CA ILE A 315 3.00 15.42 9.89
C ILE A 315 2.27 15.40 11.23
N ASN A 316 1.06 14.84 11.26
CA ASN A 316 0.30 14.79 12.51
C ASN A 316 0.87 13.75 13.46
N ALA A 317 1.30 12.61 12.95
CA ALA A 317 1.87 11.55 13.77
C ALA A 317 3.29 11.85 14.24
N GLY A 318 3.86 12.99 13.85
CA GLY A 318 5.27 13.21 14.06
C GLY A 318 5.59 13.72 15.45
N ASP A 319 6.68 13.19 16.02
CA ASP A 319 7.37 13.79 17.15
C ASP A 319 8.57 14.54 16.59
N PHE A 320 8.58 15.86 16.76
CA PHE A 320 9.56 16.71 16.12
C PHE A 320 10.44 17.45 17.12
N HIS A 321 10.62 16.87 18.32
CA HIS A 321 11.50 17.47 19.30
C HIS A 321 12.95 17.41 18.83
N GLY A 322 13.71 18.47 19.11
CA GLY A 322 15.07 18.58 18.64
C GLY A 322 15.19 19.09 17.22
N LEU A 323 14.09 19.36 16.53
CA LEU A 323 14.11 19.84 15.16
C LEU A 323 13.86 21.34 15.13
N GLN A 324 14.66 22.04 14.34
CA GLN A 324 14.46 23.46 14.07
C GLN A 324 14.11 23.62 12.60
N VAL A 325 13.05 24.38 12.31
CA VAL A 325 12.65 24.64 10.94
C VAL A 325 12.43 26.13 10.75
N LEU A 326 12.72 26.59 9.53
CA LEU A 326 12.45 27.95 9.11
C LEU A 326 11.58 27.87 7.85
N VAL A 327 10.39 28.46 7.92
CA VAL A 327 9.42 28.37 6.83
C VAL A 327 8.95 29.77 6.48
N GLY A 328 8.43 29.91 5.26
CA GLY A 328 7.92 31.21 4.86
C GLY A 328 7.37 31.19 3.46
N VAL A 329 6.86 32.36 3.07
CA VAL A 329 6.16 32.56 1.80
C VAL A 329 6.46 33.97 1.31
N VAL A 330 6.27 34.19 0.02
CA VAL A 330 6.33 35.56 -0.51
C VAL A 330 4.96 36.20 -0.29
N LYS A 331 4.85 37.50 -0.60
CA LYS A 331 3.66 38.25 -0.24
C LYS A 331 2.46 37.86 -1.10
N ASP A 332 2.69 37.60 -2.39
CA ASP A 332 1.62 37.30 -3.35
C ASP A 332 1.97 35.99 -4.05
N GLU A 333 1.66 34.87 -3.38
CA GLU A 333 2.14 33.57 -3.83
C GLU A 333 1.46 33.11 -5.11
N GLY A 334 0.23 33.56 -5.37
CA GLY A 334 -0.54 32.98 -6.45
C GLY A 334 -0.50 33.69 -7.79
N SER A 335 -0.01 34.92 -7.80
CA SER A 335 -0.12 35.75 -9.00
C SER A 335 0.69 35.20 -10.16
N TYR A 336 1.89 34.68 -9.88
CA TYR A 336 2.76 34.18 -10.95
C TYR A 336 2.10 33.05 -11.73
N PHE A 337 1.39 32.16 -11.04
CA PHE A 337 0.83 30.98 -11.68
C PHE A 337 -0.34 31.32 -12.61
N LEU A 338 -0.99 32.47 -12.41
CA LEU A 338 -2.24 32.75 -13.12
C LEU A 338 -2.02 33.02 -14.60
N VAL A 339 -0.86 33.55 -14.98
CA VAL A 339 -0.60 33.85 -16.39
C VAL A 339 -0.34 32.61 -17.22
N TYR A 340 -0.34 31.42 -16.59
CA TYR A 340 -0.12 30.17 -17.29
C TYR A 340 -1.42 29.43 -17.60
N GLY A 341 -2.54 30.14 -17.71
CA GLY A 341 -3.76 29.49 -18.11
C GLY A 341 -5.06 30.07 -17.58
N ALA A 342 -5.00 30.79 -16.47
CA ALA A 342 -6.21 31.40 -15.92
C ALA A 342 -6.79 32.36 -16.96
N PRO A 343 -8.07 32.23 -17.31
CA PRO A 343 -8.63 33.06 -18.38
C PRO A 343 -8.62 34.54 -18.02
N GLY A 344 -8.17 35.36 -18.97
CA GLY A 344 -8.11 36.80 -18.80
C GLY A 344 -6.78 37.33 -18.31
N PHE A 345 -5.83 36.46 -18.01
CA PHE A 345 -4.58 36.87 -17.37
C PHE A 345 -3.44 37.01 -18.38
N SER A 346 -2.58 37.99 -18.12
CA SER A 346 -1.39 38.23 -18.90
C SER A 346 -0.45 39.10 -18.09
N LYS A 347 0.85 38.88 -18.27
CA LYS A 347 1.82 39.82 -17.73
C LYS A 347 1.80 41.14 -18.47
N ASP A 348 1.24 41.17 -19.67
CA ASP A 348 1.32 42.31 -20.56
C ASP A 348 0.09 43.22 -20.51
N ASN A 349 -0.86 42.95 -19.62
CA ASN A 349 -1.93 43.90 -19.33
C ASN A 349 -2.22 43.83 -17.84
N GLU A 350 -3.38 44.36 -17.44
CA GLU A 350 -3.72 44.43 -16.02
C GLU A 350 -4.40 43.17 -15.51
N SER A 351 -4.84 42.29 -16.40
CA SER A 351 -5.53 41.06 -16.01
C SER A 351 -6.75 41.35 -15.14
N LEU A 352 -7.47 42.42 -15.49
CA LEU A 352 -8.70 42.78 -14.80
C LEU A 352 -9.81 41.89 -15.33
N ILE A 353 -10.12 40.83 -14.60
CA ILE A 353 -10.96 39.75 -15.10
C ILE A 353 -12.42 40.03 -14.75
N SER A 354 -13.31 39.34 -15.46
CA SER A 354 -14.74 39.36 -15.18
C SER A 354 -15.07 38.31 -14.12
N ARG A 355 -16.31 38.34 -13.64
CA ARG A 355 -16.74 37.36 -12.65
C ARG A 355 -16.75 35.95 -13.23
N ALA A 356 -17.19 35.81 -14.48
CA ALA A 356 -17.18 34.50 -15.12
C ALA A 356 -15.76 33.98 -15.31
N GLU A 357 -14.81 34.88 -15.55
CA GLU A 357 -13.41 34.46 -15.63
C GLU A 357 -12.88 34.07 -14.26
N PHE A 358 -13.30 34.79 -13.22
CA PHE A 358 -12.97 34.40 -11.85
C PHE A 358 -13.46 32.98 -11.55
N LEU A 359 -14.74 32.72 -11.86
CA LEU A 359 -15.30 31.39 -11.60
C LEU A 359 -14.57 30.31 -12.39
N ALA A 360 -14.22 30.61 -13.65
CA ALA A 360 -13.47 29.65 -14.44
C ALA A 360 -12.04 29.49 -13.95
N GLY A 361 -11.44 30.57 -13.45
CA GLY A 361 -10.10 30.47 -12.89
C GLY A 361 -10.05 29.61 -11.65
N VAL A 362 -11.14 29.58 -10.88
CA VAL A 362 -11.17 28.78 -9.65
C VAL A 362 -11.05 27.30 -9.97
N ARG A 363 -11.74 26.84 -11.03
CA ARG A 363 -11.61 25.44 -11.42
C ARG A 363 -10.19 25.11 -11.87
N VAL A 364 -9.53 26.07 -12.52
CA VAL A 364 -8.17 25.83 -13.01
C VAL A 364 -7.17 25.90 -11.86
N GLY A 365 -7.34 26.86 -10.94
CA GLY A 365 -6.41 27.00 -9.83
C GLY A 365 -6.61 26.02 -8.72
N VAL A 366 -7.85 25.55 -8.52
CA VAL A 366 -8.13 24.49 -7.56
C VAL A 366 -8.65 23.28 -8.34
N PRO A 367 -7.81 22.60 -9.10
CA PRO A 367 -8.31 21.48 -9.91
C PRO A 367 -8.55 20.24 -9.06
N GLN A 368 -9.46 19.41 -9.55
CA GLN A 368 -9.78 18.12 -8.93
C GLN A 368 -10.37 18.30 -7.53
N VAL A 369 -11.39 19.14 -7.43
CA VAL A 369 -12.30 19.18 -6.29
C VAL A 369 -13.72 19.19 -6.83
N SER A 370 -14.65 18.74 -6.00
CA SER A 370 -16.04 18.65 -6.40
C SER A 370 -16.64 20.05 -6.61
N ASP A 371 -17.76 20.09 -7.32
CA ASP A 371 -18.46 21.36 -7.54
C ASP A 371 -18.85 22.00 -6.21
N LEU A 372 -19.25 21.18 -5.23
CA LEU A 372 -19.54 21.70 -3.90
C LEU A 372 -18.33 22.39 -3.29
N ALA A 373 -17.16 21.76 -3.42
CA ALA A 373 -15.93 22.38 -2.94
C ALA A 373 -15.65 23.69 -3.68
N ALA A 374 -15.84 23.69 -5.01
CA ALA A 374 -15.64 24.90 -5.78
C ALA A 374 -16.63 25.98 -5.37
N GLU A 375 -17.87 25.59 -5.06
CA GLU A 375 -18.85 26.56 -4.56
C GLU A 375 -18.36 27.18 -3.25
N ALA A 376 -17.83 26.36 -2.35
CA ALA A 376 -17.32 26.88 -1.08
C ALA A 376 -16.18 27.86 -1.30
N VAL A 377 -15.33 27.59 -2.29
CA VAL A 377 -14.21 28.48 -2.58
C VAL A 377 -14.72 29.82 -3.10
N VAL A 378 -15.72 29.80 -3.98
CA VAL A 378 -16.26 31.04 -4.51
C VAL A 378 -16.97 31.84 -3.43
N LEU A 379 -17.71 31.16 -2.55
CA LEU A 379 -18.34 31.84 -1.42
C LEU A 379 -17.30 32.58 -0.59
N HIS A 380 -16.22 31.89 -0.21
CA HIS A 380 -15.26 32.45 0.73
C HIS A 380 -14.51 33.63 0.13
N TYR A 381 -14.13 33.54 -1.14
CA TYR A 381 -13.27 34.55 -1.75
C TYR A 381 -14.03 35.62 -2.51
N THR A 382 -15.37 35.55 -2.54
CA THR A 382 -16.17 36.62 -3.09
C THR A 382 -16.45 37.66 -2.01
N ASP A 383 -16.24 38.93 -2.35
CA ASP A 383 -16.72 40.04 -1.53
C ASP A 383 -18.14 40.35 -2.00
N TRP A 384 -19.12 40.03 -1.16
CA TRP A 384 -20.51 40.12 -1.58
C TRP A 384 -21.04 41.54 -1.62
N LEU A 385 -20.29 42.51 -1.10
CA LEU A 385 -20.59 43.90 -1.37
C LEU A 385 -20.00 44.38 -2.69
N HIS A 386 -19.02 43.66 -3.24
CA HIS A 386 -18.39 44.01 -4.52
C HIS A 386 -18.14 42.74 -5.31
N PRO A 387 -19.18 41.99 -5.66
CA PRO A 387 -18.97 40.64 -6.23
C PRO A 387 -18.40 40.64 -7.64
N GLU A 388 -18.40 41.77 -8.34
CA GLU A 388 -17.98 41.80 -9.74
C GLU A 388 -16.88 42.81 -10.03
N ASP A 389 -16.28 43.40 -8.99
CA ASP A 389 -15.19 44.35 -9.19
C ASP A 389 -13.99 43.66 -9.82
N PRO A 390 -13.60 44.03 -11.04
CA PRO A 390 -12.53 43.27 -11.73
C PRO A 390 -11.20 43.26 -11.00
N ALA A 391 -10.82 44.37 -10.37
CA ALA A 391 -9.56 44.40 -9.64
C ALA A 391 -9.60 43.48 -8.42
N ARG A 392 -10.69 43.53 -7.65
CA ARG A 392 -10.81 42.64 -6.50
C ARG A 392 -10.91 41.18 -6.94
N LEU A 393 -11.55 40.93 -8.08
CA LEU A 393 -11.59 39.58 -8.61
C LEU A 393 -10.20 39.08 -8.96
N ARG A 394 -9.35 39.96 -9.49
CA ARG A 394 -7.98 39.58 -9.82
C ARG A 394 -7.20 39.17 -8.57
N GLU A 395 -7.23 40.01 -7.54
CA GLU A 395 -6.51 39.70 -6.31
C GLU A 395 -7.12 38.47 -5.62
N ALA A 396 -8.44 38.31 -5.70
CA ALA A 396 -9.09 37.18 -5.04
C ALA A 396 -8.68 35.85 -5.67
N LEU A 397 -8.58 35.80 -7.01
CA LEU A 397 -8.14 34.58 -7.65
C LEU A 397 -6.68 34.27 -7.31
N SER A 398 -5.86 35.31 -7.18
CA SER A 398 -4.49 35.10 -6.72
C SER A 398 -4.46 34.53 -5.31
N ASP A 399 -5.34 35.05 -4.43
CA ASP A 399 -5.42 34.52 -3.07
C ASP A 399 -5.87 33.06 -3.08
N VAL A 400 -6.92 32.75 -3.85
CA VAL A 400 -7.39 31.37 -3.97
C VAL A 400 -6.22 30.46 -4.34
N VAL A 401 -5.51 30.82 -5.39
CA VAL A 401 -4.47 29.98 -5.96
C VAL A 401 -3.28 29.88 -5.01
N GLY A 402 -2.88 31.01 -4.41
CA GLY A 402 -1.73 30.99 -3.52
C GLY A 402 -2.03 30.33 -2.18
N ASP A 403 -3.20 30.63 -1.60
CA ASP A 403 -3.56 30.01 -0.32
C ASP A 403 -3.65 28.50 -0.46
N HIS A 404 -4.32 28.03 -1.52
CA HIS A 404 -4.53 26.60 -1.69
C HIS A 404 -3.22 25.85 -1.89
N ASN A 405 -2.33 26.39 -2.73
CA ASN A 405 -1.17 25.64 -3.16
C ASN A 405 0.07 25.89 -2.30
N VAL A 406 0.20 27.05 -1.67
CA VAL A 406 1.43 27.38 -0.96
C VAL A 406 1.17 27.77 0.50
N VAL A 407 0.50 28.90 0.70
CA VAL A 407 0.45 29.52 2.02
C VAL A 407 -0.15 28.58 3.06
N CYS A 408 -1.31 28.00 2.76
CA CYS A 408 -2.00 27.21 3.77
C CYS A 408 -1.31 25.86 4.01
N PRO A 409 -0.80 25.16 2.99
CA PRO A 409 0.02 23.98 3.30
C PRO A 409 1.21 24.28 4.19
N VAL A 410 1.92 25.38 3.92
CA VAL A 410 3.05 25.77 4.77
C VAL A 410 2.56 26.11 6.18
N ALA A 411 1.41 26.79 6.28
CA ALA A 411 0.88 27.15 7.59
C ALA A 411 0.45 25.92 8.38
N GLN A 412 -0.16 24.94 7.70
CA GLN A 412 -0.49 23.69 8.37
C GLN A 412 0.76 22.98 8.88
N LEU A 413 1.83 22.99 8.08
CA LEU A 413 3.07 22.35 8.49
C LEU A 413 3.73 23.10 9.65
N ALA A 414 3.70 24.43 9.61
CA ALA A 414 4.31 25.21 10.68
C ALA A 414 3.63 24.94 12.01
N GLY A 415 2.30 24.94 12.03
CA GLY A 415 1.57 24.77 13.27
C GLY A 415 1.66 23.37 13.85
N ARG A 416 1.74 22.35 12.99
CA ARG A 416 1.84 20.99 13.50
C ARG A 416 3.24 20.66 13.99
N LEU A 417 4.27 21.20 13.33
CA LEU A 417 5.64 21.01 13.83
C LEU A 417 5.82 21.71 15.17
N ALA A 418 5.34 22.96 15.28
CA ALA A 418 5.48 23.69 16.53
C ALA A 418 4.71 23.01 17.66
N ALA A 419 3.49 22.54 17.37
CA ALA A 419 2.68 21.89 18.40
C ALA A 419 3.29 20.56 18.83
N GLN A 420 4.02 19.90 17.94
CA GLN A 420 4.52 18.55 18.20
C GLN A 420 6.02 18.50 18.46
N GLY A 421 6.62 19.61 18.89
CA GLY A 421 7.95 19.57 19.49
C GLY A 421 9.04 20.35 18.80
N ALA A 422 8.82 20.96 17.64
CA ALA A 422 9.90 21.62 16.92
C ALA A 422 9.92 23.12 17.20
N ARG A 423 11.12 23.70 17.10
CA ARG A 423 11.29 25.14 17.10
CA ARG A 423 11.27 25.14 17.10
C ARG A 423 11.10 25.65 15.68
N VAL A 424 10.15 26.57 15.49
CA VAL A 424 9.75 27.02 14.17
C VAL A 424 9.87 28.54 14.08
N TYR A 425 10.43 29.02 12.98
CA TYR A 425 10.41 30.44 12.65
C TYR A 425 9.72 30.61 11.30
N ALA A 426 8.92 31.67 11.18
CA ALA A 426 8.10 31.90 10.00
C ALA A 426 8.29 33.32 9.50
N TYR A 427 8.27 33.48 8.17
CA TYR A 427 8.46 34.77 7.55
C TYR A 427 7.46 34.95 6.41
N VAL A 428 7.24 36.21 6.05
CA VAL A 428 6.62 36.57 4.78
C VAL A 428 7.55 37.55 4.09
N PHE A 429 7.96 37.23 2.87
CA PHE A 429 8.88 38.06 2.10
C PHE A 429 8.09 39.08 1.32
N GLU A 430 8.36 40.36 1.59
CA GLU A 430 7.49 41.44 1.10
C GLU A 430 8.23 42.50 0.30
N HIS A 431 9.44 42.24 -0.19
CA HIS A 431 10.16 43.21 -1.00
C HIS A 431 10.03 42.85 -2.47
N ARG A 432 9.47 43.76 -3.25
CA ARG A 432 9.46 43.63 -4.70
C ARG A 432 10.75 44.23 -5.25
N ALA A 433 11.55 43.39 -5.91
CA ALA A 433 12.86 43.83 -6.37
C ALA A 433 12.74 44.98 -7.37
N SER A 434 13.67 45.93 -7.26
CA SER A 434 13.74 47.01 -8.23
C SER A 434 14.06 46.49 -9.63
N THR A 435 14.65 45.31 -9.74
CA THR A 435 15.01 44.70 -11.00
C THR A 435 13.92 43.78 -11.55
N LEU A 436 12.79 43.68 -10.86
CA LEU A 436 11.77 42.71 -11.24
C LEU A 436 11.15 43.07 -12.59
N SER A 437 11.04 42.06 -13.46
CA SER A 437 10.52 42.28 -14.81
C SER A 437 9.01 42.02 -14.91
N TRP A 438 8.42 41.34 -13.93
CA TRP A 438 7.00 41.09 -13.95
C TRP A 438 6.22 42.38 -13.72
N PRO A 439 4.98 42.45 -14.19
CA PRO A 439 4.18 43.66 -14.01
C PRO A 439 3.88 43.92 -12.53
N LEU A 440 3.45 45.15 -12.26
CA LEU A 440 3.22 45.57 -10.88
C LEU A 440 2.06 44.82 -10.24
N TRP A 441 1.07 44.40 -11.03
CA TRP A 441 -0.12 43.80 -10.42
C TRP A 441 0.17 42.47 -9.75
N MET A 442 1.31 41.84 -10.05
CA MET A 442 1.67 40.58 -9.43
C MET A 442 2.27 40.74 -8.03
N GLY A 443 2.61 41.95 -7.62
CA GLY A 443 3.15 42.15 -6.28
C GLY A 443 4.52 41.51 -6.14
N VAL A 444 4.70 40.76 -5.07
CA VAL A 444 5.94 40.01 -4.82
C VAL A 444 5.68 38.55 -5.17
N PRO A 445 5.98 38.12 -6.39
CA PRO A 445 5.51 36.83 -6.87
C PRO A 445 6.33 35.67 -6.32
N HIS A 446 5.78 34.47 -6.53
CA HIS A 446 6.43 33.22 -6.14
C HIS A 446 7.85 33.16 -6.69
N GLY A 447 8.80 32.78 -5.82
CA GLY A 447 10.16 32.49 -6.24
C GLY A 447 11.13 33.66 -6.22
N TYR A 448 10.67 34.87 -5.92
CA TYR A 448 11.52 36.05 -6.06
C TYR A 448 12.11 36.52 -4.74
N GLU A 449 12.03 35.68 -3.71
CA GLU A 449 12.88 35.84 -2.54
C GLU A 449 14.23 35.17 -2.73
N ILE A 450 14.33 34.23 -3.68
CA ILE A 450 15.51 33.36 -3.77
C ILE A 450 16.76 34.17 -4.06
N GLU A 451 16.69 35.09 -5.03
CA GLU A 451 17.85 35.88 -5.41
C GLU A 451 18.43 36.63 -4.21
N PHE A 452 17.58 37.03 -3.27
CA PHE A 452 18.06 37.76 -2.11
C PHE A 452 18.71 36.84 -1.08
N ILE A 453 18.19 35.62 -0.93
CA ILE A 453 18.80 34.67 0.02
C ILE A 453 20.16 34.20 -0.48
N PHE A 454 20.34 34.09 -1.79
CA PHE A 454 21.62 33.69 -2.36
C PHE A 454 22.57 34.85 -2.59
N GLY A 455 22.24 36.04 -2.09
CA GLY A 455 23.13 37.18 -2.23
C GLY A 455 23.35 37.64 -3.66
N ILE A 456 22.43 37.29 -4.57
CA ILE A 456 22.61 37.67 -5.98
C ILE A 456 22.78 39.17 -6.17
N PRO A 457 22.11 40.05 -5.42
CA PRO A 457 22.34 41.50 -5.64
C PRO A 457 23.79 41.95 -5.46
N LEU A 458 24.61 41.19 -4.73
CA LEU A 458 26.01 41.56 -4.59
C LEU A 458 26.80 41.44 -5.88
N ASP A 459 26.24 40.78 -6.90
CA ASP A 459 26.90 40.68 -8.20
C ASP A 459 27.00 42.07 -8.83
N PRO A 460 28.21 42.57 -9.13
CA PRO A 460 28.31 43.94 -9.65
C PRO A 460 27.68 44.13 -11.02
N SER A 461 27.60 43.06 -11.84
CA SER A 461 27.00 43.19 -13.17
C SER A 461 25.50 43.35 -13.13
N ARG A 462 24.89 43.36 -11.95
CA ARG A 462 23.45 43.55 -11.78
C ARG A 462 23.19 44.92 -11.17
N ASN A 463 21.99 45.45 -11.42
CA ASN A 463 21.65 46.84 -11.08
C ASN A 463 20.75 46.94 -9.85
N TYR A 464 20.91 46.03 -8.88
CA TYR A 464 20.22 46.22 -7.62
C TYR A 464 20.74 47.48 -6.94
N THR A 465 19.86 48.13 -6.19
CA THR A 465 20.25 49.34 -5.48
C THR A 465 20.98 48.96 -4.19
N ALA A 466 21.43 49.98 -3.43
CA ALA A 466 22.33 49.72 -2.32
C ALA A 466 21.61 49.16 -1.10
N GLU A 467 20.40 49.64 -0.81
CA GLU A 467 19.62 49.06 0.28
C GLU A 467 19.32 47.59 0.00
N GLU A 468 19.12 47.24 -1.27
CA GLU A 468 18.84 45.86 -1.65
C GLU A 468 20.06 44.96 -1.38
N LYS A 469 21.26 45.50 -1.61
CA LYS A 469 22.47 44.75 -1.25
C LYS A 469 22.57 44.57 0.26
N ILE A 470 22.23 45.62 1.02
CA ILE A 470 22.13 45.49 2.48
C ILE A 470 21.06 44.47 2.85
N PHE A 471 19.91 44.53 2.17
CA PHE A 471 18.82 43.60 2.42
C PHE A 471 19.27 42.17 2.18
N ALA A 472 19.89 41.91 1.03
CA ALA A 472 20.42 40.57 0.74
C ALA A 472 21.39 40.13 1.82
N GLN A 473 22.21 41.04 2.33
CA GLN A 473 23.17 40.68 3.38
C GLN A 473 22.46 40.36 4.69
N ARG A 474 21.33 41.02 4.97
CA ARG A 474 20.55 40.70 6.16
C ARG A 474 19.97 39.30 6.09
N LEU A 475 19.39 38.94 4.95
CA LEU A 475 18.74 37.64 4.82
C LEU A 475 19.77 36.51 4.85
N MET A 476 20.90 36.68 4.16
CA MET A 476 21.97 35.68 4.21
C MET A 476 22.40 35.43 5.65
N ARG A 477 22.41 36.48 6.48
CA ARG A 477 22.76 36.31 7.88
C ARG A 477 21.69 35.53 8.63
N TYR A 478 20.42 35.89 8.44
CA TYR A 478 19.32 35.14 9.04
C TYR A 478 19.44 33.65 8.71
N TRP A 479 19.62 33.35 7.42
CA TRP A 479 19.68 31.96 6.98
C TRP A 479 20.89 31.24 7.57
N ALA A 480 22.05 31.89 7.55
CA ALA A 480 23.26 31.25 8.05
C ALA A 480 23.23 31.14 9.58
N ASN A 481 22.68 32.16 10.25
CA ASN A 481 22.47 32.04 11.70
C ASN A 481 21.60 30.84 12.02
N PHE A 482 20.55 30.63 11.24
CA PHE A 482 19.69 29.46 11.45
C PHE A 482 20.46 28.16 11.22
N ALA A 483 21.26 28.11 10.15
CA ALA A 483 22.03 26.90 9.87
C ALA A 483 23.03 26.63 10.98
N ARG A 484 23.65 27.68 11.53
CA ARG A 484 24.63 27.50 12.59
C ARG A 484 23.97 27.08 13.90
N THR A 485 22.92 27.80 14.31
CA THR A 485 22.41 27.70 15.67
C THR A 485 20.95 27.26 15.76
N GLY A 486 20.25 27.08 14.65
CA GLY A 486 18.84 26.77 14.74
C GLY A 486 17.97 27.95 15.14
N ASP A 487 18.49 29.17 15.00
CA ASP A 487 17.83 30.40 15.42
C ASP A 487 18.40 31.52 14.57
N PRO A 488 17.56 32.18 13.75
CA PRO A 488 18.08 33.21 12.85
C PRO A 488 18.50 34.50 13.53
N ASN A 489 18.36 34.61 14.85
CA ASN A 489 18.55 35.87 15.55
C ASN A 489 20.02 36.10 15.91
N GLU A 490 20.38 37.38 15.99
CA GLU A 490 21.60 37.83 16.65
C GLU A 490 21.57 39.33 16.88
N ALA A 496 17.51 42.43 18.25
CA ALA A 496 17.16 43.84 18.19
C ALA A 496 17.02 44.32 16.75
N PRO A 497 15.81 44.22 16.18
CA PRO A 497 14.61 43.61 16.77
C PRO A 497 14.62 42.08 16.65
N GLN A 498 13.88 41.42 17.53
CA GLN A 498 13.93 39.96 17.62
C GLN A 498 12.88 39.31 16.70
N TRP A 499 13.22 38.12 16.23
CA TRP A 499 12.38 37.27 15.40
C TRP A 499 11.83 36.15 16.28
N PRO A 500 10.59 36.26 16.77
CA PRO A 500 10.08 35.26 17.72
C PRO A 500 9.73 33.96 17.02
N PRO A 501 9.78 32.84 17.74
CA PRO A 501 9.38 31.56 17.14
C PRO A 501 7.90 31.56 16.79
N TYR A 502 7.54 30.71 15.84
CA TYR A 502 6.15 30.51 15.44
C TYR A 502 5.53 29.43 16.31
N THR A 503 4.31 29.70 16.79
CA THR A 503 3.58 28.75 17.62
C THR A 503 2.15 28.60 17.09
N ALA A 504 1.54 27.45 17.41
CA ALA A 504 0.19 27.19 16.94
C ALA A 504 -0.81 28.21 17.47
N GLY A 505 -0.55 28.77 18.65
CA GLY A 505 -1.43 29.76 19.23
C GLY A 505 -1.15 31.17 18.76
N ALA A 506 0.01 31.72 19.16
CA ALA A 506 0.33 33.10 18.81
C ALA A 506 0.52 33.27 17.31
N GLN A 507 1.07 32.26 16.63
CA GLN A 507 1.21 32.27 15.17
C GLN A 507 2.02 33.47 14.67
N GLN A 508 3.10 33.78 15.39
CA GLN A 508 3.89 34.96 15.06
C GLN A 508 4.86 34.68 13.91
N TYR A 509 5.04 35.69 13.06
CA TYR A 509 5.97 35.64 11.95
C TYR A 509 6.51 37.05 11.73
N VAL A 510 7.58 37.15 10.93
CA VAL A 510 8.19 38.44 10.65
C VAL A 510 8.07 38.73 9.16
N SER A 511 7.94 40.01 8.84
CA SER A 511 7.98 40.48 7.47
C SER A 511 9.42 40.78 7.07
N LEU A 512 9.79 40.43 5.85
CA LEU A 512 11.13 40.64 5.32
C LEU A 512 11.06 41.64 4.18
N ASP A 513 11.47 42.88 4.45
CA ASP A 513 11.64 43.88 3.41
C ASP A 513 12.71 44.86 3.87
N LEU A 514 12.80 46.00 3.19
CA LEU A 514 13.84 46.98 3.51
C LEU A 514 13.70 47.50 4.93
N ARG A 515 12.47 47.62 5.42
CA ARG A 515 12.24 48.07 6.77
C ARG A 515 12.76 47.05 7.78
N PRO A 516 12.96 47.44 9.04
CA PRO A 516 13.36 46.47 10.06
C PRO A 516 12.27 45.43 10.28
N LEU A 517 12.62 44.41 11.06
CA LEU A 517 11.69 43.32 11.33
C LEU A 517 10.42 43.83 11.98
N GLU A 518 9.28 43.34 11.49
CA GLU A 518 7.98 43.62 12.06
C GLU A 518 7.29 42.29 12.35
N VAL A 519 6.86 42.11 13.59
CA VAL A 519 6.19 40.88 14.00
C VAL A 519 4.70 41.01 13.72
N ARG A 520 4.11 39.94 13.18
CA ARG A 520 2.68 39.88 12.90
C ARG A 520 2.16 38.51 13.32
N ARG A 521 0.83 38.39 13.39
CA ARG A 521 0.16 37.19 13.84
C ARG A 521 -0.63 36.56 12.71
N GLY A 522 -0.39 35.27 12.46
CA GLY A 522 -1.25 34.48 11.60
C GLY A 522 -0.92 34.50 10.12
N LEU A 523 -0.61 33.33 9.56
CA LEU A 523 -0.37 33.19 8.13
C LEU A 523 -1.72 32.98 7.44
N ARG A 524 -2.38 34.09 7.14
CA ARG A 524 -3.76 34.13 6.66
C ARG A 524 -4.62 33.11 7.42
N ALA A 525 -4.77 33.37 8.72
CA ALA A 525 -5.41 32.40 9.61
C ALA A 525 -6.84 32.10 9.20
N GLN A 526 -7.60 33.14 8.85
CA GLN A 526 -8.99 32.93 8.43
C GLN A 526 -9.05 32.06 7.18
N ALA A 527 -8.39 32.48 6.11
CA ALA A 527 -8.45 31.74 4.86
C ALA A 527 -7.93 30.32 5.02
N CYS A 528 -6.83 30.14 5.75
CA CYS A 528 -6.23 28.82 5.87
C CYS A 528 -7.05 27.90 6.77
N ALA A 529 -7.82 28.47 7.69
CA ALA A 529 -8.79 27.66 8.43
C ALA A 529 -9.77 27.00 7.48
N PHE A 530 -10.13 27.69 6.40
CA PHE A 530 -11.02 27.10 5.40
C PHE A 530 -10.34 25.95 4.66
N TRP A 531 -9.09 26.14 4.24
CA TRP A 531 -8.43 25.11 3.45
C TRP A 531 -8.01 23.93 4.31
N ASN A 532 -7.54 24.19 5.53
CA ASN A 532 -6.96 23.12 6.32
C ASN A 532 -7.94 22.47 7.30
N ARG A 533 -8.96 23.20 7.76
CA ARG A 533 -9.90 22.65 8.73
C ARG A 533 -11.24 22.24 8.13
N PHE A 534 -11.87 23.10 7.35
CA PHE A 534 -13.22 22.78 6.88
C PHE A 534 -13.19 21.93 5.62
N LEU A 535 -12.52 22.41 4.57
CA LEU A 535 -12.61 21.76 3.26
C LEU A 535 -12.25 20.28 3.26
N PRO A 536 -11.32 19.77 4.10
CA PRO A 536 -11.15 18.31 4.14
C PRO A 536 -12.39 17.57 4.61
N LYS A 537 -13.11 18.12 5.59
CA LYS A 537 -14.36 17.51 6.02
C LYS A 537 -15.38 17.48 4.89
N LEU A 538 -15.42 18.55 4.09
CA LEU A 538 -16.34 18.59 2.95
C LEU A 538 -16.00 17.51 1.93
N LEU A 539 -14.72 17.30 1.66
CA LEU A 539 -14.30 16.34 0.65
C LEU A 539 -14.33 14.90 1.16
N SER A 540 -14.71 14.68 2.42
CA SER A 540 -14.95 13.35 2.95
C SER A 540 -16.44 13.16 3.25
N ALA A 541 -17.29 13.63 2.33
CA ALA A 541 -18.73 13.53 2.48
C ALA A 541 -19.44 13.73 1.14
N ARG B 2 12.72 -49.73 -16.63
CA ARG B 2 12.81 -48.29 -16.85
C ARG B 2 11.69 -47.56 -16.12
N GLU B 3 10.65 -47.16 -16.86
CA GLU B 3 9.54 -46.45 -16.24
C GLU B 3 8.77 -47.35 -15.29
N ASP B 4 8.31 -46.76 -14.20
CA ASP B 4 7.35 -47.40 -13.32
C ASP B 4 5.94 -47.17 -13.90
N ALA B 5 5.26 -48.27 -14.24
CA ALA B 5 3.93 -48.13 -14.84
C ALA B 5 2.94 -47.51 -13.88
N GLU B 6 3.15 -47.68 -12.57
CA GLU B 6 2.23 -47.15 -11.57
C GLU B 6 2.17 -45.62 -11.60
N LEU B 7 3.15 -44.96 -12.21
CA LEU B 7 3.22 -43.51 -12.24
C LEU B 7 2.82 -42.91 -13.58
N LEU B 8 2.38 -43.72 -14.53
CA LEU B 8 1.83 -43.25 -15.78
C LEU B 8 0.32 -43.41 -15.75
N VAL B 9 -0.40 -42.32 -16.01
CA VAL B 9 -1.86 -42.32 -16.03
C VAL B 9 -2.31 -41.53 -17.25
N THR B 10 -3.36 -42.03 -17.92
CA THR B 10 -4.01 -41.30 -18.98
C THR B 10 -5.37 -40.80 -18.49
N VAL B 11 -5.62 -39.51 -18.67
CA VAL B 11 -6.92 -38.92 -18.37
C VAL B 11 -7.51 -38.40 -19.68
N ARG B 12 -8.68 -37.77 -19.60
CA ARG B 12 -9.36 -37.28 -20.81
C ARG B 12 -8.43 -36.44 -21.67
N GLY B 13 -7.69 -35.53 -21.03
CA GLY B 13 -6.88 -34.58 -21.76
C GLY B 13 -5.53 -35.07 -22.23
N GLY B 14 -5.08 -36.23 -21.75
CA GLY B 14 -3.80 -36.76 -22.19
C GLY B 14 -3.13 -37.53 -21.07
N ARG B 15 -1.83 -37.71 -21.23
CA ARG B 15 -1.04 -38.58 -20.37
C ARG B 15 -0.33 -37.80 -19.27
N LEU B 16 -0.13 -38.46 -18.14
CA LEU B 16 0.48 -37.87 -16.96
C LEU B 16 1.59 -38.78 -16.45
N ARG B 17 2.62 -38.16 -15.86
CA ARG B 17 3.67 -38.89 -15.16
C ARG B 17 3.77 -38.38 -13.74
N GLY B 18 3.65 -39.28 -12.77
CA GLY B 18 3.67 -38.94 -11.37
C GLY B 18 5.00 -39.25 -10.70
N ILE B 19 4.98 -39.28 -9.37
CA ILE B 19 6.17 -39.48 -8.56
C ILE B 19 5.82 -40.39 -7.39
N ARG B 20 6.75 -41.29 -7.05
CA ARG B 20 6.59 -42.14 -5.88
C ARG B 20 7.11 -41.41 -4.64
N LEU B 21 6.28 -41.35 -3.62
CA LEU B 21 6.61 -40.65 -2.39
C LEU B 21 6.79 -41.64 -1.24
N LYS B 22 7.56 -41.23 -0.25
CA LYS B 22 7.84 -42.06 0.92
C LYS B 22 7.03 -41.59 2.12
N THR B 23 6.46 -42.54 2.84
CA THR B 23 5.87 -42.34 4.16
C THR B 23 6.47 -43.39 5.09
N PRO B 24 6.47 -43.14 6.39
CA PRO B 24 6.94 -44.17 7.34
C PRO B 24 6.12 -45.46 7.30
N GLY B 25 4.97 -45.46 6.65
CA GLY B 25 4.15 -46.64 6.49
C GLY B 25 4.25 -47.32 5.14
N GLY B 26 5.02 -46.78 4.22
CA GLY B 26 5.13 -47.33 2.89
C GLY B 26 4.95 -46.28 1.80
N PRO B 27 5.19 -46.66 0.56
CA PRO B 27 5.14 -45.69 -0.53
C PRO B 27 3.72 -45.30 -0.90
N VAL B 28 3.64 -44.23 -1.67
CA VAL B 28 2.38 -43.61 -2.07
C VAL B 28 2.58 -43.02 -3.47
N SER B 29 1.56 -43.11 -4.31
CA SER B 29 1.60 -42.48 -5.63
C SER B 29 1.04 -41.06 -5.54
N ALA B 30 1.72 -40.14 -6.20
CA ALA B 30 1.32 -38.74 -6.21
C ALA B 30 1.37 -38.19 -7.63
N PHE B 31 0.33 -37.44 -7.99
CA PHE B 31 0.25 -36.75 -9.28
C PHE B 31 -0.08 -35.30 -8.95
N LEU B 32 0.94 -34.44 -9.03
CA LEU B 32 0.86 -33.07 -8.56
C LEU B 32 0.92 -32.09 -9.72
N GLY B 33 0.15 -31.02 -9.64
CA GLY B 33 0.17 -30.04 -10.70
C GLY B 33 -0.52 -30.49 -11.98
N ILE B 34 -1.59 -31.26 -11.86
CA ILE B 34 -2.40 -31.64 -13.01
C ILE B 34 -3.24 -30.43 -13.44
N PRO B 35 -3.12 -29.97 -14.68
CA PRO B 35 -3.99 -28.87 -15.12
C PRO B 35 -5.42 -29.36 -15.33
N PHE B 36 -6.37 -28.66 -14.73
CA PHE B 36 -7.78 -28.96 -14.93
C PHE B 36 -8.54 -27.81 -15.57
N ALA B 37 -7.86 -26.72 -15.92
CA ALA B 37 -8.53 -25.59 -16.56
C ALA B 37 -7.52 -24.87 -17.44
N GLU B 38 -8.04 -24.18 -18.45
CA GLU B 38 -7.21 -23.28 -19.23
C GLU B 38 -6.72 -22.15 -18.32
N PRO B 39 -5.47 -21.74 -18.45
CA PRO B 39 -4.94 -20.68 -17.58
C PRO B 39 -5.78 -19.43 -17.68
N PRO B 40 -6.35 -18.96 -16.56
CA PRO B 40 -7.25 -17.80 -16.59
C PRO B 40 -6.48 -16.48 -16.68
N MET B 41 -5.76 -16.30 -17.77
CA MET B 41 -4.91 -15.14 -17.98
C MET B 41 -5.54 -14.15 -18.94
N GLY B 42 -5.03 -12.92 -18.89
CA GLY B 42 -5.42 -11.88 -19.82
C GLY B 42 -6.91 -11.68 -19.90
N PRO B 43 -7.48 -11.94 -21.08
CA PRO B 43 -8.94 -11.77 -21.25
C PRO B 43 -9.76 -12.76 -20.43
N ARG B 44 -9.17 -13.88 -20.00
CA ARG B 44 -9.88 -14.83 -19.16
C ARG B 44 -9.87 -14.46 -17.68
N ARG B 45 -9.20 -13.39 -17.30
CA ARG B 45 -9.24 -12.94 -15.91
C ARG B 45 -10.66 -12.53 -15.55
N PHE B 46 -11.08 -12.93 -14.35
CA PHE B 46 -12.42 -12.73 -13.78
C PHE B 46 -13.48 -13.62 -14.42
N LEU B 47 -13.13 -14.40 -15.44
CA LEU B 47 -14.11 -15.20 -16.16
C LEU B 47 -14.25 -16.59 -15.54
N PRO B 48 -15.39 -17.24 -15.75
CA PRO B 48 -15.53 -18.62 -15.30
C PRO B 48 -14.46 -19.48 -15.93
N PRO B 49 -14.01 -20.52 -15.22
CA PRO B 49 -12.93 -21.37 -15.76
C PRO B 49 -13.38 -22.12 -17.00
N GLU B 50 -12.44 -22.29 -17.92
CA GLU B 50 -12.72 -23.12 -19.07
C GLU B 50 -11.96 -24.43 -18.96
N PRO B 51 -12.58 -25.55 -19.34
CA PRO B 51 -11.92 -26.85 -19.19
C PRO B 51 -10.60 -26.89 -19.94
N LYS B 52 -9.63 -27.58 -19.34
CA LYS B 52 -8.31 -27.71 -19.96
C LYS B 52 -8.42 -28.47 -21.28
N GLN B 53 -7.87 -27.88 -22.34
CA GLN B 53 -7.90 -28.54 -23.63
C GLN B 53 -6.88 -29.68 -23.67
N PRO B 54 -7.16 -30.72 -24.46
CA PRO B 54 -6.26 -31.88 -24.48
C PRO B 54 -4.87 -31.52 -24.96
N TRP B 55 -3.89 -32.25 -24.44
CA TRP B 55 -2.50 -32.07 -24.78
C TRP B 55 -1.93 -33.35 -25.38
N SER B 56 -0.82 -33.20 -26.09
CA SER B 56 -0.04 -34.33 -26.58
C SER B 56 1.21 -34.49 -25.73
N GLY B 57 1.76 -35.69 -25.76
CA GLY B 57 2.90 -35.99 -24.91
C GLY B 57 2.46 -36.20 -23.46
N VAL B 58 3.43 -36.05 -22.56
CA VAL B 58 3.25 -36.40 -21.16
C VAL B 58 3.43 -35.15 -20.30
N VAL B 59 2.36 -34.77 -19.61
CA VAL B 59 2.46 -33.69 -18.63
C VAL B 59 3.25 -34.18 -17.42
N ASP B 60 4.23 -33.39 -16.99
CA ASP B 60 5.04 -33.74 -15.83
C ASP B 60 4.27 -33.36 -14.57
N ALA B 61 3.78 -34.38 -13.85
CA ALA B 61 3.00 -34.14 -12.64
C ALA B 61 3.76 -34.61 -11.40
N THR B 62 5.01 -34.18 -11.24
CA THR B 62 5.87 -34.63 -10.17
C THR B 62 6.12 -33.59 -9.09
N THR B 63 5.56 -32.39 -9.23
CA THR B 63 5.81 -31.33 -8.27
C THR B 63 4.63 -30.36 -8.26
N PHE B 64 4.44 -29.69 -7.12
CA PHE B 64 3.35 -28.74 -6.97
C PHE B 64 3.49 -27.60 -7.97
N GLN B 65 2.35 -27.04 -8.37
CA GLN B 65 2.31 -25.96 -9.33
C GLN B 65 2.16 -24.62 -8.62
N SER B 66 2.04 -23.56 -9.40
CA SER B 66 2.05 -22.21 -8.85
C SER B 66 0.86 -21.97 -7.94
N VAL B 67 1.07 -21.10 -6.96
CA VAL B 67 0.01 -20.66 -6.05
C VAL B 67 -0.73 -19.50 -6.69
N CYS B 68 -2.06 -19.49 -6.55
CA CYS B 68 -2.84 -18.38 -7.10
C CYS B 68 -2.48 -17.09 -6.38
N TYR B 69 -2.57 -15.98 -7.12
CA TYR B 69 -2.13 -14.68 -6.62
C TYR B 69 -2.88 -14.30 -5.34
N GLN B 70 -2.12 -13.95 -4.31
CA GLN B 70 -2.73 -13.65 -3.02
C GLN B 70 -1.79 -12.78 -2.19
N TYR B 71 -2.37 -12.10 -1.20
CA TYR B 71 -1.60 -11.36 -0.21
C TYR B 71 -0.82 -12.32 0.68
N VAL B 72 0.30 -11.84 1.22
CA VAL B 72 1.19 -12.63 2.06
C VAL B 72 1.17 -12.06 3.46
N ASP B 73 0.95 -12.93 4.45
CA ASP B 73 0.98 -12.52 5.84
C ASP B 73 2.39 -12.14 6.27
N THR B 74 2.54 -10.92 6.81
CA THR B 74 3.83 -10.42 7.27
C THR B 74 3.80 -9.98 8.72
N LEU B 75 2.77 -10.36 9.49
CA LEU B 75 2.62 -9.87 10.86
C LEU B 75 3.78 -10.30 11.75
N TYR B 76 4.31 -11.50 11.53
CA TYR B 76 5.45 -12.02 12.30
C TYR B 76 6.40 -12.71 11.33
N PRO B 77 7.20 -11.94 10.59
CA PRO B 77 8.07 -12.53 9.56
C PRO B 77 8.99 -13.60 10.13
N GLY B 78 8.95 -14.78 9.52
CA GLY B 78 9.74 -15.91 9.96
C GLY B 78 9.11 -16.75 11.05
N PHE B 79 7.95 -16.36 11.56
CA PHE B 79 7.28 -17.12 12.61
C PHE B 79 6.58 -18.33 12.01
N GLU B 80 6.80 -19.51 12.61
CA GLU B 80 6.24 -20.74 12.07
C GLU B 80 4.71 -20.68 11.98
N GLY B 81 4.07 -20.06 12.98
CA GLY B 81 2.62 -20.07 13.07
C GLY B 81 1.90 -19.29 11.99
N THR B 82 2.58 -18.33 11.36
CA THR B 82 2.00 -17.58 10.27
C THR B 82 2.55 -17.98 8.90
N GLU B 83 3.83 -18.34 8.83
CA GLU B 83 4.43 -18.70 7.55
C GLU B 83 3.92 -20.03 7.02
N MET B 84 3.46 -20.93 7.90
CA MET B 84 2.97 -22.23 7.45
C MET B 84 1.76 -22.12 6.54
N TRP B 85 1.06 -20.99 6.57
CA TRP B 85 -0.06 -20.74 5.67
C TRP B 85 0.33 -19.90 4.46
N ASN B 86 1.54 -19.34 4.44
CA ASN B 86 1.94 -18.47 3.35
C ASN B 86 2.27 -19.28 2.10
N PRO B 87 2.18 -18.69 0.92
CA PRO B 87 2.52 -19.40 -0.31
C PRO B 87 3.91 -20.00 -0.25
N ASN B 88 4.01 -21.28 -0.62
CA ASN B 88 5.27 -21.99 -0.63
C ASN B 88 5.70 -22.36 -2.05
N ARG B 89 5.08 -21.75 -3.07
CA ARG B 89 5.56 -21.80 -4.44
C ARG B 89 5.32 -20.43 -5.06
N GLU B 90 5.91 -20.20 -6.23
CA GLU B 90 5.79 -18.90 -6.88
C GLU B 90 4.33 -18.59 -7.17
N LEU B 91 3.97 -17.31 -7.01
CA LEU B 91 2.63 -16.85 -7.34
C LEU B 91 2.46 -16.74 -8.84
N SER B 92 1.26 -17.08 -9.32
CA SER B 92 0.95 -16.94 -10.74
C SER B 92 -0.56 -16.98 -10.90
N GLU B 93 -1.04 -16.26 -11.93
CA GLU B 93 -2.44 -16.41 -12.33
C GLU B 93 -2.67 -17.74 -13.02
N ASP B 94 -1.63 -18.33 -13.61
CA ASP B 94 -1.67 -19.68 -14.17
C ASP B 94 -1.47 -20.64 -12.99
N CYS B 95 -2.58 -20.89 -12.28
CA CYS B 95 -2.52 -21.62 -11.02
C CYS B 95 -3.59 -22.70 -10.90
N LEU B 96 -4.40 -22.94 -11.92
CA LEU B 96 -5.53 -23.86 -11.82
C LEU B 96 -5.05 -25.29 -12.06
N TYR B 97 -4.48 -25.87 -11.00
CA TYR B 97 -3.98 -27.23 -11.03
C TYR B 97 -4.50 -27.96 -9.80
N LEU B 98 -4.62 -29.28 -9.92
CA LEU B 98 -5.05 -30.11 -8.80
C LEU B 98 -4.10 -31.26 -8.62
N ASN B 99 -4.17 -31.88 -7.45
CA ASN B 99 -3.25 -32.95 -7.04
C ASN B 99 -4.04 -34.19 -6.69
N VAL B 100 -3.46 -35.36 -6.97
CA VAL B 100 -4.08 -36.64 -6.67
C VAL B 100 -3.05 -37.53 -6.01
N TRP B 101 -3.33 -37.98 -4.79
CA TRP B 101 -2.57 -38.99 -4.09
C TRP B 101 -3.37 -40.29 -4.06
N THR B 102 -2.73 -41.41 -4.34
CA THR B 102 -3.35 -42.72 -4.28
C THR B 102 -2.36 -43.69 -3.66
N PRO B 103 -2.83 -44.83 -3.15
CA PRO B 103 -1.91 -45.87 -2.67
C PRO B 103 -0.96 -46.32 -3.78
N TYR B 104 0.13 -46.96 -3.36
CA TYR B 104 1.09 -47.58 -4.26
C TYR B 104 1.14 -49.07 -3.95
N PRO B 105 0.87 -49.96 -4.90
CA PRO B 105 0.50 -49.65 -6.29
C PRO B 105 -0.92 -49.10 -6.37
N ARG B 106 -1.25 -48.45 -7.48
CA ARG B 106 -2.58 -47.86 -7.62
C ARG B 106 -3.65 -48.90 -7.29
N PRO B 107 -4.70 -48.51 -6.58
CA PRO B 107 -5.77 -49.47 -6.28
C PRO B 107 -6.39 -49.99 -7.57
N THR B 108 -6.83 -51.24 -7.52
CA THR B 108 -7.48 -51.86 -8.67
C THR B 108 -8.96 -52.13 -8.45
N SER B 109 -9.50 -51.75 -7.30
CA SER B 109 -10.94 -51.66 -7.11
C SER B 109 -11.28 -50.26 -6.63
N PRO B 110 -12.49 -49.78 -6.91
CA PRO B 110 -12.84 -48.39 -6.58
C PRO B 110 -12.57 -48.06 -5.12
N THR B 111 -11.89 -46.95 -4.91
CA THR B 111 -11.42 -46.47 -3.63
C THR B 111 -12.12 -45.18 -3.25
N PRO B 112 -12.55 -45.02 -1.99
CA PRO B 112 -13.22 -43.78 -1.59
C PRO B 112 -12.31 -42.57 -1.78
N VAL B 113 -12.92 -41.46 -2.20
CA VAL B 113 -12.19 -40.26 -2.58
C VAL B 113 -12.49 -39.15 -1.59
N LEU B 114 -11.44 -38.52 -1.07
CA LEU B 114 -11.55 -37.31 -0.28
C LEU B 114 -11.04 -36.13 -1.10
N VAL B 115 -11.82 -35.04 -1.11
CA VAL B 115 -11.47 -33.84 -1.85
C VAL B 115 -11.31 -32.71 -0.84
N TRP B 116 -10.12 -32.11 -0.80
CA TRP B 116 -9.79 -31.06 0.16
C TRP B 116 -9.89 -29.70 -0.52
N ILE B 117 -10.58 -28.77 0.14
CA ILE B 117 -10.66 -27.38 -0.28
C ILE B 117 -10.05 -26.54 0.82
N TYR B 118 -8.98 -25.81 0.49
CA TYR B 118 -8.26 -25.08 1.52
C TYR B 118 -9.01 -23.80 1.90
N GLY B 119 -8.72 -23.31 3.11
CA GLY B 119 -9.22 -22.04 3.57
C GLY B 119 -8.24 -20.92 3.33
N GLY B 120 -8.54 -19.76 3.92
CA GLY B 120 -7.72 -18.59 3.74
C GLY B 120 -8.54 -17.35 3.46
N GLY B 121 -9.76 -17.31 4.00
CA GLY B 121 -10.60 -16.13 3.91
C GLY B 121 -11.04 -15.77 2.51
N PHE B 122 -10.98 -16.71 1.57
CA PHE B 122 -11.27 -16.49 0.16
C PHE B 122 -10.28 -15.53 -0.50
N TYR B 123 -9.23 -15.12 0.20
CA TYR B 123 -8.20 -14.27 -0.38
C TYR B 123 -6.82 -14.91 -0.38
N SER B 124 -6.69 -16.14 0.11
CA SER B 124 -5.37 -16.76 0.24
C SER B 124 -5.54 -18.26 0.40
N GLY B 125 -4.41 -18.94 0.47
CA GLY B 125 -4.37 -20.39 0.56
C GLY B 125 -3.67 -21.01 -0.64
N ALA B 126 -3.44 -22.31 -0.52
CA ALA B 126 -2.82 -23.11 -1.57
C ALA B 126 -2.91 -24.58 -1.19
N SER B 127 -3.05 -25.43 -2.21
CA SER B 127 -3.11 -26.86 -1.99
C SER B 127 -1.74 -27.49 -1.76
N SER B 128 -0.67 -26.71 -1.83
CA SER B 128 0.69 -27.22 -1.72
C SER B 128 1.29 -27.05 -0.33
N LEU B 129 0.57 -26.43 0.60
CA LEU B 129 1.10 -26.23 1.94
C LEU B 129 1.45 -27.57 2.58
N ASP B 130 2.54 -27.57 3.35
CA ASP B 130 3.01 -28.81 3.99
C ASP B 130 1.92 -29.47 4.81
N VAL B 131 1.05 -28.66 5.44
CA VAL B 131 0.04 -29.20 6.34
C VAL B 131 -1.12 -29.84 5.61
N TYR B 132 -1.19 -29.72 4.28
CA TYR B 132 -2.20 -30.38 3.47
C TYR B 132 -1.64 -31.57 2.70
N ASP B 133 -0.49 -32.10 3.11
CA ASP B 133 0.12 -33.21 2.40
C ASP B 133 -0.72 -34.47 2.57
N GLY B 134 -1.17 -35.03 1.46
CA GLY B 134 -2.09 -36.15 1.50
C GLY B 134 -1.48 -37.52 1.66
N ARG B 135 -0.14 -37.62 1.69
CA ARG B 135 0.50 -38.93 1.64
C ARG B 135 0.18 -39.78 2.87
N PHE B 136 -0.09 -39.16 4.01
CA PHE B 136 -0.31 -39.93 5.23
C PHE B 136 -1.72 -40.51 5.28
N LEU B 137 -2.72 -39.67 4.99
CA LEU B 137 -4.10 -40.16 4.93
C LEU B 137 -4.23 -41.28 3.90
N VAL B 138 -3.61 -41.11 2.74
CA VAL B 138 -3.78 -42.07 1.65
C VAL B 138 -3.16 -43.41 2.02
N GLN B 139 -1.96 -43.39 2.62
CA GLN B 139 -1.33 -44.65 3.00
C GLN B 139 -2.04 -45.30 4.18
N ALA B 140 -2.34 -44.51 5.22
CA ALA B 140 -2.89 -45.09 6.44
C ALA B 140 -4.31 -45.62 6.22
N GLU B 141 -5.11 -44.91 5.42
CA GLU B 141 -6.53 -45.21 5.33
C GLU B 141 -6.99 -45.64 3.95
N ARG B 142 -6.08 -45.80 2.99
CA ARG B 142 -6.40 -46.38 1.68
C ARG B 142 -7.54 -45.64 1.00
N THR B 143 -7.47 -44.32 1.01
CA THR B 143 -8.35 -43.46 0.21
C THR B 143 -7.55 -42.85 -0.92
N VAL B 144 -8.27 -42.22 -1.84
CA VAL B 144 -7.66 -41.34 -2.84
C VAL B 144 -7.95 -39.91 -2.40
N LEU B 145 -6.91 -39.08 -2.38
CA LEU B 145 -7.00 -37.71 -1.90
C LEU B 145 -6.80 -36.76 -3.08
N VAL B 146 -7.74 -35.85 -3.28
CA VAL B 146 -7.64 -34.83 -4.31
C VAL B 146 -7.72 -33.46 -3.65
N SER B 147 -6.84 -32.55 -4.07
CA SER B 147 -6.92 -31.15 -3.67
C SER B 147 -6.64 -30.29 -4.89
N MET B 148 -7.32 -29.15 -4.97
CA MET B 148 -7.19 -28.26 -6.11
C MET B 148 -6.89 -26.85 -5.64
N ASN B 149 -6.25 -26.08 -6.51
CA ASN B 149 -6.14 -24.65 -6.32
C ASN B 149 -7.33 -23.96 -6.98
N TYR B 150 -7.84 -22.93 -6.34
CA TYR B 150 -8.92 -22.11 -6.87
C TYR B 150 -8.56 -20.65 -6.68
N ARG B 151 -9.02 -19.82 -7.62
CA ARG B 151 -8.67 -18.41 -7.59
C ARG B 151 -9.23 -17.74 -6.34
N VAL B 152 -8.37 -17.05 -5.61
CA VAL B 152 -8.76 -16.31 -4.42
C VAL B 152 -8.69 -14.82 -4.74
N GLY B 153 -9.18 -14.01 -3.80
CA GLY B 153 -9.11 -12.56 -3.91
C GLY B 153 -9.97 -12.04 -5.04
N ALA B 154 -9.58 -10.87 -5.56
CA ALA B 154 -10.29 -10.28 -6.69
C ALA B 154 -10.30 -11.22 -7.89
N PHE B 155 -9.26 -12.05 -8.04
CA PHE B 155 -9.16 -12.94 -9.20
C PHE B 155 -10.23 -14.02 -9.17
N GLY B 156 -10.73 -14.36 -7.99
CA GLY B 156 -11.75 -15.38 -7.90
C GLY B 156 -13.13 -14.86 -7.57
N PHE B 157 -13.22 -13.67 -6.97
CA PHE B 157 -14.50 -13.24 -6.42
C PHE B 157 -14.82 -11.76 -6.64
N LEU B 158 -14.13 -11.06 -7.52
CA LEU B 158 -14.59 -9.74 -7.93
C LEU B 158 -15.86 -9.90 -8.76
N ALA B 159 -16.88 -9.10 -8.44
CA ALA B 159 -18.18 -9.26 -9.08
C ALA B 159 -18.73 -7.90 -9.46
N LEU B 160 -19.06 -7.73 -10.74
CA LEU B 160 -19.95 -6.68 -11.22
C LEU B 160 -21.25 -7.38 -11.57
N PRO B 161 -22.18 -7.54 -10.62
CA PRO B 161 -23.35 -8.40 -10.86
C PRO B 161 -24.13 -7.97 -12.10
N GLY B 162 -24.50 -8.95 -12.91
CA GLY B 162 -25.17 -8.73 -14.16
C GLY B 162 -24.25 -8.72 -15.37
N SER B 163 -22.99 -8.32 -15.17
CA SER B 163 -22.03 -8.31 -16.27
C SER B 163 -21.59 -9.74 -16.60
N ARG B 164 -21.22 -9.94 -17.86
CA ARG B 164 -20.62 -11.20 -18.29
C ARG B 164 -19.10 -11.16 -18.24
N GLU B 165 -18.50 -9.99 -18.04
CA GLU B 165 -17.05 -9.87 -17.98
C GLU B 165 -16.49 -10.02 -16.57
N ALA B 166 -17.34 -9.87 -15.55
CA ALA B 166 -16.95 -10.15 -14.16
C ALA B 166 -18.19 -10.62 -13.41
N PRO B 167 -18.63 -11.86 -13.66
CA PRO B 167 -19.92 -12.30 -13.12
C PRO B 167 -19.87 -12.69 -11.65
N GLY B 168 -18.70 -12.97 -11.10
CA GLY B 168 -18.56 -13.33 -9.71
C GLY B 168 -18.54 -14.83 -9.50
N ASN B 169 -18.05 -15.23 -8.32
CA ASN B 169 -18.05 -16.61 -7.84
C ASN B 169 -17.22 -17.56 -8.70
N VAL B 170 -16.33 -17.04 -9.55
CA VAL B 170 -15.57 -17.91 -10.44
C VAL B 170 -14.56 -18.76 -9.66
N GLY B 171 -14.17 -18.32 -8.46
CA GLY B 171 -13.38 -19.19 -7.61
C GLY B 171 -14.15 -20.42 -7.16
N LEU B 172 -15.45 -20.26 -6.91
CA LEU B 172 -16.30 -21.40 -6.64
C LEU B 172 -16.47 -22.28 -7.88
N LEU B 173 -16.46 -21.67 -9.06
CA LEU B 173 -16.56 -22.45 -10.29
C LEU B 173 -15.27 -23.22 -10.57
N ASP B 174 -14.12 -22.69 -10.17
CA ASP B 174 -12.89 -23.47 -10.21
C ASP B 174 -13.03 -24.74 -9.38
N GLN B 175 -13.52 -24.59 -8.15
CA GLN B 175 -13.76 -25.76 -7.30
C GLN B 175 -14.68 -26.75 -7.98
N ARG B 176 -15.81 -26.27 -8.51
CA ARG B 176 -16.77 -27.17 -9.16
C ARG B 176 -16.15 -27.86 -10.37
N LEU B 177 -15.39 -27.12 -11.18
CA LEU B 177 -14.74 -27.73 -12.33
C LEU B 177 -13.80 -28.85 -11.89
N ALA B 178 -13.05 -28.63 -10.81
CA ALA B 178 -12.18 -29.67 -10.30
C ALA B 178 -12.99 -30.85 -9.77
N LEU B 179 -14.16 -30.56 -9.18
CA LEU B 179 -15.07 -31.64 -8.80
C LEU B 179 -15.58 -32.39 -10.02
N GLN B 180 -15.86 -31.66 -11.10
CA GLN B 180 -16.24 -32.30 -12.36
C GLN B 180 -15.09 -33.16 -12.89
N TRP B 181 -13.87 -32.60 -12.89
CA TRP B 181 -12.70 -33.37 -13.29
C TRP B 181 -12.57 -34.66 -12.50
N VAL B 182 -12.90 -34.62 -11.21
CA VAL B 182 -12.84 -35.81 -10.38
C VAL B 182 -13.83 -36.86 -10.86
N GLN B 183 -15.04 -36.42 -11.22
CA GLN B 183 -16.04 -37.37 -11.73
C GLN B 183 -15.55 -38.05 -13.00
N GLU B 184 -14.92 -37.31 -13.89
CA GLU B 184 -14.56 -37.85 -15.19
C GLU B 184 -13.25 -38.63 -15.18
N ASN B 185 -12.38 -38.42 -14.18
CA ASN B 185 -11.01 -38.92 -14.28
C ASN B 185 -10.49 -39.67 -13.06
N VAL B 186 -11.12 -39.57 -11.88
CA VAL B 186 -10.51 -40.16 -10.69
C VAL B 186 -10.45 -41.68 -10.81
N ALA B 187 -11.34 -42.28 -11.61
CA ALA B 187 -11.33 -43.74 -11.77
C ALA B 187 -10.01 -44.21 -12.37
N ALA B 188 -9.39 -43.40 -13.23
CA ALA B 188 -8.09 -43.75 -13.79
C ALA B 188 -7.00 -43.83 -12.72
N PHE B 189 -7.26 -43.35 -11.52
CA PHE B 189 -6.32 -43.42 -10.41
C PHE B 189 -6.69 -44.49 -9.39
N GLY B 190 -7.81 -45.18 -9.58
CA GLY B 190 -8.33 -46.11 -8.60
C GLY B 190 -9.43 -45.56 -7.73
N GLY B 191 -9.79 -44.28 -7.89
CA GLY B 191 -10.80 -43.68 -7.05
C GLY B 191 -12.21 -44.02 -7.52
N ASP B 192 -13.14 -44.01 -6.56
CA ASP B 192 -14.54 -44.29 -6.83
C ASP B 192 -15.28 -42.97 -7.00
N PRO B 193 -15.68 -42.59 -8.22
CA PRO B 193 -16.43 -41.34 -8.39
C PRO B 193 -17.81 -41.38 -7.75
N THR B 194 -18.31 -42.54 -7.34
CA THR B 194 -19.58 -42.64 -6.63
C THR B 194 -19.42 -42.50 -5.13
N SER B 195 -18.21 -42.26 -4.63
CA SER B 195 -17.96 -42.08 -3.19
C SER B 195 -16.97 -40.94 -3.02
N VAL B 196 -17.45 -39.71 -3.13
CA VAL B 196 -16.63 -38.51 -3.00
C VAL B 196 -17.08 -37.75 -1.77
N THR B 197 -16.16 -37.54 -0.83
CA THR B 197 -16.40 -36.77 0.38
C THR B 197 -15.63 -35.46 0.29
N LEU B 198 -16.34 -34.34 0.29
CA LEU B 198 -15.70 -33.04 0.38
C LEU B 198 -15.31 -32.76 1.82
N PHE B 199 -14.17 -32.15 2.02
CA PHE B 199 -13.74 -31.66 3.31
C PHE B 199 -12.97 -30.39 3.14
N GLY B 200 -13.10 -29.49 4.09
CA GLY B 200 -12.47 -28.20 4.01
C GLY B 200 -12.52 -27.50 5.35
N GLU B 201 -11.63 -26.53 5.51
CA GLU B 201 -11.47 -25.80 6.76
C GLU B 201 -11.64 -24.31 6.53
N SER B 202 -12.29 -23.64 7.48
CA SER B 202 -12.51 -22.19 7.45
C SER B 202 -13.23 -21.83 6.15
N ALA B 203 -12.68 -20.96 5.30
CA ALA B 203 -13.31 -20.64 4.03
C ALA B 203 -13.41 -21.85 3.10
N GLY B 204 -12.61 -22.88 3.36
CA GLY B 204 -12.79 -24.14 2.64
C GLY B 204 -14.02 -24.89 3.13
N ALA B 205 -14.29 -24.84 4.44
CA ALA B 205 -15.53 -25.40 4.96
C ALA B 205 -16.73 -24.62 4.47
N ALA B 206 -16.60 -23.30 4.36
CA ALA B 206 -17.68 -22.49 3.80
C ALA B 206 -17.90 -22.81 2.34
N SER B 207 -16.83 -23.10 1.60
CA SER B 207 -16.96 -23.52 0.21
C SER B 207 -17.74 -24.82 0.11
N VAL B 208 -17.38 -25.80 0.93
CA VAL B 208 -18.09 -27.07 0.95
C VAL B 208 -19.59 -26.83 1.16
N GLY B 209 -19.92 -26.01 2.15
CA GLY B 209 -21.33 -25.72 2.42
C GLY B 209 -22.03 -25.09 1.24
N MET B 210 -21.33 -24.23 0.50
CA MET B 210 -21.95 -23.59 -0.66
C MET B 210 -22.15 -24.58 -1.80
N HIS B 211 -21.29 -25.60 -1.90
CA HIS B 211 -21.54 -26.67 -2.87
C HIS B 211 -22.73 -27.52 -2.45
N LEU B 212 -22.95 -27.68 -1.15
CA LEU B 212 -24.14 -28.37 -0.67
C LEU B 212 -25.41 -27.63 -1.04
N LEU B 213 -25.35 -26.30 -1.09
CA LEU B 213 -26.52 -25.46 -1.32
C LEU B 213 -26.65 -25.02 -2.78
N SER B 214 -25.85 -25.57 -3.68
CA SER B 214 -25.90 -25.23 -5.09
C SER B 214 -26.15 -26.50 -5.91
N PRO B 215 -27.34 -26.68 -6.47
CA PRO B 215 -27.70 -27.96 -7.11
C PRO B 215 -26.71 -28.43 -8.16
N PRO B 216 -26.15 -27.55 -9.00
CA PRO B 216 -25.15 -28.03 -9.98
C PRO B 216 -23.93 -28.66 -9.34
N SER B 217 -23.60 -28.32 -8.09
CA SER B 217 -22.49 -28.97 -7.40
C SER B 217 -22.92 -30.23 -6.67
N ARG B 218 -24.16 -30.27 -6.17
CA ARG B 218 -24.60 -31.33 -5.28
C ARG B 218 -24.52 -32.72 -5.91
N GLY B 219 -24.57 -32.80 -7.23
CA GLY B 219 -24.42 -34.10 -7.88
C GLY B 219 -23.00 -34.56 -8.08
N LEU B 220 -22.01 -33.82 -7.58
CA LEU B 220 -20.61 -34.12 -7.82
C LEU B 220 -19.90 -34.71 -6.60
N PHE B 221 -20.60 -34.88 -5.48
CA PHE B 221 -20.03 -35.46 -4.28
C PHE B 221 -21.17 -36.04 -3.46
N HIS B 222 -20.81 -36.71 -2.36
CA HIS B 222 -21.82 -37.47 -1.64
C HIS B 222 -21.84 -37.17 -0.14
N ARG B 223 -20.69 -36.86 0.45
CA ARG B 223 -20.64 -36.39 1.83
C ARG B 223 -19.85 -35.10 1.91
N ALA B 224 -19.96 -34.45 3.07
CA ALA B 224 -19.34 -33.14 3.29
C ALA B 224 -18.78 -33.09 4.70
N VAL B 225 -17.60 -32.49 4.85
CA VAL B 225 -17.00 -32.23 6.15
C VAL B 225 -16.67 -30.75 6.21
N LEU B 226 -17.18 -30.08 7.25
CA LEU B 226 -16.99 -28.64 7.43
C LEU B 226 -16.26 -28.41 8.74
N GLN B 227 -14.99 -28.01 8.64
CA GLN B 227 -14.13 -27.82 9.80
C GLN B 227 -13.95 -26.33 10.04
N SER B 228 -14.49 -25.83 11.17
CA SER B 228 -14.30 -24.45 11.60
C SER B 228 -14.71 -23.46 10.51
N GLY B 229 -15.85 -23.71 9.89
CA GLY B 229 -16.34 -22.83 8.84
C GLY B 229 -17.74 -23.23 8.44
N ALA B 230 -18.43 -22.29 7.80
CA ALA B 230 -19.82 -22.50 7.44
C ALA B 230 -20.22 -21.50 6.37
N PRO B 231 -21.07 -21.89 5.41
CA PRO B 231 -21.51 -20.93 4.39
C PRO B 231 -22.37 -19.81 4.95
N ASN B 232 -22.90 -19.98 6.17
CA ASN B 232 -23.75 -19.00 6.81
C ASN B 232 -22.95 -18.06 7.72
N GLY B 233 -21.63 -18.19 7.76
CA GLY B 233 -20.79 -17.29 8.52
C GLY B 233 -20.91 -15.87 8.02
N PRO B 234 -20.80 -14.90 8.94
CA PRO B 234 -21.01 -13.50 8.53
C PRO B 234 -19.96 -12.99 7.56
N TRP B 235 -18.83 -13.68 7.43
CA TRP B 235 -17.73 -13.25 6.56
C TRP B 235 -17.74 -13.95 5.21
N ALA B 236 -18.67 -14.87 4.97
CA ALA B 236 -18.54 -15.81 3.86
C ALA B 236 -19.23 -15.37 2.58
N THR B 237 -20.22 -14.48 2.66
CA THR B 237 -20.92 -14.02 1.47
C THR B 237 -21.06 -12.50 1.51
N VAL B 238 -21.40 -11.94 0.36
CA VAL B 238 -21.62 -10.50 0.21
C VAL B 238 -22.82 -10.29 -0.71
N GLY B 239 -23.53 -9.20 -0.47
CA GLY B 239 -24.64 -8.84 -1.34
C GLY B 239 -24.18 -8.28 -2.67
N MET B 240 -25.11 -8.26 -3.63
CA MET B 240 -24.77 -7.78 -4.97
C MET B 240 -24.34 -6.33 -4.95
N GLY B 241 -25.10 -5.48 -4.25
CA GLY B 241 -24.77 -4.06 -4.24
C GLY B 241 -23.44 -3.78 -3.58
N GLU B 242 -23.14 -4.43 -2.46
CA GLU B 242 -21.85 -4.25 -1.83
C GLU B 242 -20.71 -4.82 -2.67
N ALA B 243 -20.98 -5.91 -3.40
CA ALA B 243 -19.96 -6.48 -4.28
C ALA B 243 -19.63 -5.51 -5.41
N ARG B 244 -20.65 -4.86 -5.98
CA ARG B 244 -20.40 -3.88 -7.03
C ARG B 244 -19.64 -2.68 -6.49
N ARG B 245 -20.02 -2.21 -5.29
CA ARG B 245 -19.30 -1.11 -4.66
C ARG B 245 -17.83 -1.46 -4.45
N ARG B 246 -17.57 -2.68 -3.97
CA ARG B 246 -16.19 -3.08 -3.70
C ARG B 246 -15.39 -3.21 -4.99
N ALA B 247 -16.00 -3.74 -6.05
CA ALA B 247 -15.31 -3.87 -7.32
C ALA B 247 -15.00 -2.50 -7.92
N THR B 248 -15.99 -1.59 -7.90
CA THR B 248 -15.78 -0.24 -8.38
C THR B 248 -14.69 0.47 -7.59
N GLN B 249 -14.65 0.24 -6.28
CA GLN B 249 -13.67 0.91 -5.43
C GLN B 249 -12.26 0.41 -5.72
N LEU B 250 -12.11 -0.89 -6.02
CA LEU B 250 -10.79 -1.40 -6.39
C LEU B 250 -10.33 -0.83 -7.73
N ALA B 251 -11.26 -0.64 -8.66
CA ALA B 251 -10.92 -0.03 -9.94
C ALA B 251 -10.37 1.38 -9.75
N HIS B 252 -11.08 2.19 -8.95
CA HIS B 252 -10.62 3.54 -8.67
C HIS B 252 -9.25 3.53 -8.01
N LEU B 253 -9.02 2.58 -7.11
CA LEU B 253 -7.77 2.54 -6.36
C LEU B 253 -6.57 2.17 -7.22
N VAL B 254 -6.78 1.55 -8.38
CA VAL B 254 -5.69 1.15 -9.26
C VAL B 254 -5.65 2.00 -10.52
N GLY B 255 -6.32 3.15 -10.52
CA GLY B 255 -6.28 4.06 -11.65
C GLY B 255 -7.23 3.71 -12.76
N CYS B 256 -8.36 3.08 -12.46
CA CYS B 256 -9.26 2.62 -13.50
C CYS B 256 -10.61 3.32 -13.41
N PRO B 257 -11.22 3.62 -14.56
CA PRO B 257 -12.56 4.23 -14.56
C PRO B 257 -13.58 3.33 -13.91
N PRO B 258 -14.42 3.86 -13.00
CA PRO B 258 -14.28 5.21 -12.44
C PRO B 258 -13.79 5.21 -10.99
N ASN B 264 -19.65 2.11 -17.27
CA ASN B 264 -19.71 0.93 -18.13
C ASN B 264 -18.90 -0.21 -17.54
N ASP B 265 -19.58 -1.30 -17.20
CA ASP B 265 -18.90 -2.47 -16.64
C ASP B 265 -17.84 -2.99 -17.59
N THR B 266 -18.15 -3.05 -18.89
CA THR B 266 -17.20 -3.58 -19.86
C THR B 266 -15.88 -2.80 -19.83
N GLU B 267 -15.96 -1.47 -19.74
CA GLU B 267 -14.75 -0.66 -19.75
C GLU B 267 -13.98 -0.77 -18.44
N LEU B 268 -14.68 -0.91 -17.31
CA LEU B 268 -13.98 -0.98 -16.03
C LEU B 268 -13.25 -2.31 -15.90
N VAL B 269 -13.88 -3.41 -16.31
CA VAL B 269 -13.21 -4.71 -16.27
C VAL B 269 -12.04 -4.72 -17.23
N ALA B 270 -12.22 -4.14 -18.42
CA ALA B 270 -11.14 -4.07 -19.39
C ALA B 270 -9.93 -3.36 -18.81
N CYS B 271 -10.15 -2.22 -18.13
CA CYS B 271 -9.05 -1.54 -17.46
C CYS B 271 -8.44 -2.42 -16.37
N LEU B 272 -9.28 -3.12 -15.60
CA LEU B 272 -8.77 -4.00 -14.56
C LEU B 272 -7.90 -5.11 -15.14
N ARG B 273 -8.23 -5.60 -16.33
CA ARG B 273 -7.46 -6.68 -16.93
C ARG B 273 -6.09 -6.23 -17.42
N THR B 274 -5.84 -4.92 -17.51
CA THR B 274 -4.53 -4.43 -17.89
C THR B 274 -3.56 -4.35 -16.72
N ARG B 275 -4.07 -4.33 -15.49
CA ARG B 275 -3.19 -4.16 -14.35
C ARG B 275 -2.47 -5.46 -14.01
N PRO B 276 -1.19 -5.40 -13.65
CA PRO B 276 -0.51 -6.60 -13.16
C PRO B 276 -1.22 -7.15 -11.93
N ALA B 277 -1.14 -8.48 -11.76
CA ALA B 277 -1.87 -9.13 -10.69
C ALA B 277 -1.45 -8.63 -9.32
N GLN B 278 -0.16 -8.40 -9.12
CA GLN B 278 0.31 -7.94 -7.81
C GLN B 278 -0.26 -6.57 -7.46
N VAL B 279 -0.62 -5.77 -8.46
CA VAL B 279 -1.23 -4.47 -8.18
C VAL B 279 -2.61 -4.66 -7.56
N LEU B 280 -3.41 -5.58 -8.11
CA LEU B 280 -4.72 -5.86 -7.52
C LEU B 280 -4.58 -6.36 -6.09
N VAL B 281 -3.58 -7.23 -5.85
CA VAL B 281 -3.34 -7.72 -4.49
C VAL B 281 -3.02 -6.57 -3.55
N ASN B 282 -2.18 -5.64 -3.99
CA ASN B 282 -1.65 -4.60 -3.10
C ASN B 282 -2.74 -3.65 -2.62
N HIS B 283 -3.84 -3.51 -3.36
CA HIS B 283 -4.93 -2.63 -2.96
C HIS B 283 -6.14 -3.39 -2.43
N GLU B 284 -6.05 -4.72 -2.35
CA GLU B 284 -7.19 -5.55 -1.97
C GLU B 284 -7.76 -5.13 -0.62
N TRP B 285 -6.90 -4.99 0.39
CA TRP B 285 -7.34 -4.76 1.76
C TRP B 285 -7.97 -3.39 1.97
N HIS B 286 -7.77 -2.46 1.04
CA HIS B 286 -8.21 -1.08 1.21
C HIS B 286 -9.52 -0.77 0.48
N VAL B 287 -10.38 -1.77 0.30
CA VAL B 287 -11.72 -1.54 -0.24
C VAL B 287 -12.81 -1.76 0.80
N LEU B 288 -12.48 -2.31 1.96
CA LEU B 288 -13.49 -2.69 2.94
C LEU B 288 -14.15 -1.45 3.56
N PRO B 289 -15.37 -1.61 4.05
CA PRO B 289 -16.08 -0.50 4.67
C PRO B 289 -15.46 0.03 5.93
N GLN B 290 -15.03 -0.84 6.83
CA GLN B 290 -14.44 -0.41 8.08
C GLN B 290 -13.14 -1.11 8.15
N GLU B 291 -12.27 -0.63 8.99
CA GLU B 291 -10.97 -1.25 9.10
C GLU B 291 -11.01 -2.11 10.33
N SER B 292 -10.85 -3.40 10.09
CA SER B 292 -10.92 -4.43 11.09
C SER B 292 -10.26 -5.70 10.70
N VAL B 293 -10.23 -6.60 11.67
CA VAL B 293 -9.77 -7.94 11.50
C VAL B 293 -10.92 -8.47 10.70
N PHE B 294 -10.80 -9.60 10.02
CA PHE B 294 -11.94 -10.13 9.29
C PHE B 294 -12.40 -9.30 8.06
N ARG B 295 -13.68 -9.48 7.68
CA ARG B 295 -14.28 -8.74 6.59
C ARG B 295 -13.46 -8.62 5.33
N PHE B 296 -13.21 -9.76 4.75
CA PHE B 296 -12.43 -9.94 3.56
C PHE B 296 -13.12 -9.29 2.41
N SER B 297 -12.35 -8.73 1.50
CA SER B 297 -12.90 -8.02 0.38
C SER B 297 -13.66 -8.69 -0.71
N PHE B 298 -13.19 -9.81 -1.20
CA PHE B 298 -13.88 -10.48 -2.26
C PHE B 298 -14.21 -11.86 -1.83
N VAL B 299 -15.47 -12.09 -1.64
CA VAL B 299 -16.00 -13.36 -1.14
C VAL B 299 -17.13 -13.78 -2.09
N PRO B 300 -17.71 -14.97 -1.94
CA PRO B 300 -18.88 -15.33 -2.76
C PRO B 300 -19.99 -14.28 -2.65
N VAL B 301 -20.62 -14.00 -3.78
CA VAL B 301 -21.72 -13.05 -3.86
C VAL B 301 -23.02 -13.81 -4.06
N VAL B 302 -24.08 -13.35 -3.39
CA VAL B 302 -25.41 -13.92 -3.54
C VAL B 302 -26.08 -13.18 -4.70
N ASP B 303 -26.04 -13.78 -5.89
CA ASP B 303 -26.62 -13.16 -7.08
C ASP B 303 -27.73 -13.98 -7.70
N GLY B 304 -28.26 -14.97 -6.98
CA GLY B 304 -29.32 -15.81 -7.50
C GLY B 304 -28.89 -16.86 -8.51
N ASP B 305 -27.61 -17.02 -8.79
CA ASP B 305 -27.12 -18.02 -9.73
C ASP B 305 -26.45 -19.17 -9.02
N PHE B 306 -25.20 -19.07 -8.65
CA PHE B 306 -24.57 -20.12 -7.86
C PHE B 306 -25.33 -20.34 -6.55
N LEU B 307 -25.68 -19.24 -5.88
CA LEU B 307 -26.51 -19.28 -4.69
C LEU B 307 -27.81 -18.55 -5.03
N SER B 308 -28.87 -19.31 -5.24
CA SER B 308 -30.17 -18.74 -5.60
C SER B 308 -30.74 -17.88 -4.48
N ASP B 309 -30.20 -17.98 -3.27
CA ASP B 309 -30.60 -17.15 -2.14
C ASP B 309 -29.42 -17.14 -1.17
N THR B 310 -29.59 -16.48 -0.03
CA THR B 310 -28.54 -16.47 0.97
C THR B 310 -28.37 -17.88 1.54
N PRO B 311 -27.14 -18.23 1.96
CA PRO B 311 -26.95 -19.55 2.58
C PRO B 311 -27.87 -19.81 3.75
N GLU B 312 -28.11 -18.80 4.60
CA GLU B 312 -29.03 -18.96 5.72
C GLU B 312 -30.43 -19.31 5.23
N ALA B 313 -30.89 -18.63 4.18
CA ALA B 313 -32.22 -18.94 3.64
C ALA B 313 -32.26 -20.33 3.02
N LEU B 314 -31.20 -20.72 2.31
CA LEU B 314 -31.17 -22.03 1.68
C LEU B 314 -31.09 -23.14 2.71
N ILE B 315 -30.37 -22.91 3.81
CA ILE B 315 -30.29 -23.91 4.87
C ILE B 315 -31.67 -24.12 5.51
N ASN B 316 -32.37 -23.01 5.80
CA ASN B 316 -33.67 -23.12 6.47
C ASN B 316 -34.70 -23.82 5.61
N ALA B 317 -34.60 -23.69 4.28
CA ALA B 317 -35.62 -24.18 3.37
C ALA B 317 -35.29 -25.54 2.76
N GLY B 318 -34.24 -26.19 3.24
CA GLY B 318 -33.67 -27.33 2.55
C GLY B 318 -34.11 -28.67 3.10
N ASP B 319 -34.31 -29.63 2.20
CA ASP B 319 -34.50 -31.03 2.53
C ASP B 319 -33.14 -31.71 2.48
N PHE B 320 -32.67 -32.20 3.64
CA PHE B 320 -31.31 -32.73 3.74
C PHE B 320 -31.30 -34.20 4.14
N HIS B 321 -32.41 -34.92 3.93
CA HIS B 321 -32.37 -36.37 4.04
C HIS B 321 -31.42 -36.93 2.99
N GLY B 322 -30.74 -38.02 3.35
CA GLY B 322 -29.76 -38.61 2.47
C GLY B 322 -28.40 -37.94 2.49
N LEU B 323 -28.19 -37.00 3.40
CA LEU B 323 -26.91 -36.30 3.53
C LEU B 323 -26.31 -36.59 4.90
N GLN B 324 -25.04 -36.96 4.91
CA GLN B 324 -24.25 -37.06 6.13
C GLN B 324 -23.18 -35.97 6.10
N VAL B 325 -23.05 -35.24 7.20
CA VAL B 325 -22.02 -34.22 7.32
C VAL B 325 -21.28 -34.39 8.63
N LEU B 326 -19.99 -34.08 8.60
CA LEU B 326 -19.15 -33.98 9.78
C LEU B 326 -18.76 -32.53 9.95
N VAL B 327 -19.08 -31.94 11.10
CA VAL B 327 -18.79 -30.55 11.39
C VAL B 327 -18.09 -30.46 12.73
N GLY B 328 -17.31 -29.40 12.92
CA GLY B 328 -16.62 -29.25 14.19
C GLY B 328 -15.84 -27.96 14.28
N VAL B 329 -15.30 -27.73 15.47
CA VAL B 329 -14.59 -26.50 15.82
C VAL B 329 -13.42 -26.86 16.72
N VAL B 330 -12.45 -25.93 16.80
CA VAL B 330 -11.38 -26.08 17.79
C VAL B 330 -11.85 -25.43 19.09
N LYS B 331 -11.13 -25.69 20.17
CA LYS B 331 -11.57 -25.25 21.50
C LYS B 331 -11.60 -23.73 21.60
N ASP B 332 -10.71 -23.03 20.89
CA ASP B 332 -10.54 -21.58 21.04
C ASP B 332 -10.48 -20.93 19.65
N GLU B 333 -11.65 -20.86 19.00
CA GLU B 333 -11.71 -20.38 17.63
C GLU B 333 -11.29 -18.93 17.49
N GLY B 334 -11.52 -18.10 18.51
CA GLY B 334 -11.35 -16.67 18.36
C GLY B 334 -9.95 -16.16 18.59
N SER B 335 -9.10 -16.92 19.30
CA SER B 335 -7.84 -16.38 19.81
C SER B 335 -6.90 -15.97 18.68
N TYR B 336 -6.78 -16.80 17.63
CA TYR B 336 -5.80 -16.54 16.60
C TYR B 336 -6.07 -15.22 15.88
N PHE B 337 -7.34 -14.87 15.69
CA PHE B 337 -7.68 -13.68 14.93
C PHE B 337 -7.39 -12.40 15.68
N LEU B 338 -7.28 -12.45 17.01
CA LEU B 338 -7.19 -11.22 17.79
C LEU B 338 -5.87 -10.49 17.58
N VAL B 339 -4.80 -11.22 17.22
CA VAL B 339 -3.48 -10.61 17.10
C VAL B 339 -3.34 -9.81 15.81
N TYR B 340 -4.39 -9.78 14.99
CA TYR B 340 -4.34 -9.08 13.71
C TYR B 340 -5.07 -7.74 13.75
N GLY B 341 -5.20 -7.13 14.94
CA GLY B 341 -5.78 -5.81 14.97
C GLY B 341 -6.67 -5.50 16.16
N ALA B 342 -6.88 -6.46 17.05
CA ALA B 342 -7.58 -6.17 18.29
C ALA B 342 -6.63 -5.43 19.22
N PRO B 343 -6.96 -4.22 19.66
CA PRO B 343 -5.98 -3.42 20.42
C PRO B 343 -5.57 -4.11 21.72
N GLY B 344 -4.26 -4.21 21.92
CA GLY B 344 -3.71 -4.81 23.12
C GLY B 344 -3.25 -6.25 22.98
N PHE B 345 -3.43 -6.86 21.82
CA PHE B 345 -3.14 -8.27 21.64
C PHE B 345 -1.81 -8.48 20.92
N SER B 346 -1.11 -9.54 21.32
CA SER B 346 0.17 -9.89 20.73
C SER B 346 0.49 -11.33 21.12
N LYS B 347 1.07 -12.08 20.20
CA LYS B 347 1.54 -13.42 20.53
C LYS B 347 2.73 -13.39 21.49
N ASP B 348 3.35 -12.22 21.66
CA ASP B 348 4.60 -12.11 22.40
C ASP B 348 4.41 -11.60 23.83
N ASN B 349 3.17 -11.33 24.22
CA ASN B 349 2.78 -10.88 25.55
C ASN B 349 1.49 -11.59 25.96
N GLU B 350 1.10 -11.61 27.23
CA GLU B 350 -0.10 -12.30 27.71
C GLU B 350 -1.40 -11.64 27.28
N SER B 351 -1.34 -10.52 26.56
CA SER B 351 -2.52 -9.86 26.01
C SER B 351 -3.59 -9.63 27.06
N LEU B 352 -3.16 -9.21 28.25
CA LEU B 352 -4.09 -8.87 29.33
C LEU B 352 -4.63 -7.48 29.04
N ILE B 353 -5.81 -7.41 28.43
CA ILE B 353 -6.34 -6.16 27.90
C ILE B 353 -7.17 -5.44 28.94
N SER B 354 -7.47 -4.18 28.68
CA SER B 354 -8.30 -3.35 29.55
C SER B 354 -9.74 -3.32 29.03
N ARG B 355 -10.64 -2.89 29.91
CA ARG B 355 -12.06 -2.78 29.55
C ARG B 355 -12.24 -1.97 28.28
N ALA B 356 -11.54 -0.84 28.17
CA ALA B 356 -11.68 0.01 27.00
C ALA B 356 -11.14 -0.70 25.75
N GLU B 357 -10.02 -1.41 25.88
CA GLU B 357 -9.53 -2.21 24.76
C GLU B 357 -10.51 -3.31 24.40
N PHE B 358 -11.17 -3.89 25.40
CA PHE B 358 -12.18 -4.92 25.16
C PHE B 358 -13.33 -4.36 24.33
N LEU B 359 -13.88 -3.22 24.74
CA LEU B 359 -14.97 -2.61 23.98
C LEU B 359 -14.52 -2.21 22.58
N ALA B 360 -13.25 -1.85 22.42
CA ALA B 360 -12.74 -1.56 21.08
C ALA B 360 -12.61 -2.84 20.26
N GLY B 361 -12.16 -3.92 20.89
CA GLY B 361 -12.06 -5.18 20.17
C GLY B 361 -13.38 -5.70 19.66
N VAL B 362 -14.48 -5.37 20.34
CA VAL B 362 -15.79 -5.87 19.95
C VAL B 362 -16.20 -5.29 18.60
N ARG B 363 -16.01 -3.99 18.40
CA ARG B 363 -16.32 -3.40 17.11
C ARG B 363 -15.39 -3.90 16.01
N VAL B 364 -14.18 -4.31 16.37
CA VAL B 364 -13.24 -4.83 15.40
C VAL B 364 -13.55 -6.29 15.08
N GLY B 365 -13.95 -7.07 16.09
CA GLY B 365 -14.28 -8.46 15.88
C GLY B 365 -15.69 -8.72 15.40
N VAL B 366 -16.60 -7.77 15.64
CA VAL B 366 -17.97 -7.88 15.16
C VAL B 366 -18.21 -6.63 14.31
N PRO B 367 -17.47 -6.44 13.22
CA PRO B 367 -17.78 -5.30 12.36
C PRO B 367 -19.17 -5.45 11.73
N GLN B 368 -19.64 -4.40 11.14
CA GLN B 368 -20.91 -4.48 10.49
C GLN B 368 -22.17 -4.50 11.30
N VAL B 369 -22.14 -4.05 12.53
CA VAL B 369 -23.36 -4.13 13.34
C VAL B 369 -23.63 -2.79 14.01
N SER B 370 -24.91 -2.51 14.23
CA SER B 370 -25.33 -1.29 14.89
C SER B 370 -24.74 -1.22 16.30
N ASP B 371 -24.73 -0.01 16.85
CA ASP B 371 -24.21 0.17 18.19
C ASP B 371 -25.07 -0.55 19.22
N LEU B 372 -26.39 -0.52 19.04
CA LEU B 372 -27.28 -1.30 19.90
C LEU B 372 -26.96 -2.78 19.82
N ALA B 373 -26.56 -3.26 18.63
CA ALA B 373 -26.09 -4.64 18.51
C ALA B 373 -24.79 -4.85 19.27
N ALA B 374 -23.87 -3.88 19.17
CA ALA B 374 -22.58 -4.04 19.85
C ALA B 374 -22.74 -3.97 21.37
N GLU B 375 -23.64 -3.12 21.86
CA GLU B 375 -23.85 -3.07 23.30
C GLU B 375 -24.59 -4.31 23.78
N ALA B 376 -25.40 -4.92 22.93
CA ALA B 376 -25.95 -6.24 23.25
C ALA B 376 -24.84 -7.27 23.40
N VAL B 377 -23.79 -7.15 22.58
CA VAL B 377 -22.66 -8.07 22.66
C VAL B 377 -21.91 -7.87 23.97
N VAL B 378 -21.60 -6.61 24.32
CA VAL B 378 -20.83 -6.37 25.53
C VAL B 378 -21.65 -6.70 26.77
N LEU B 379 -22.97 -6.51 26.73
CA LEU B 379 -23.82 -6.97 27.82
C LEU B 379 -23.65 -8.46 28.03
N HIS B 380 -23.75 -9.24 26.95
CA HIS B 380 -23.77 -10.68 27.05
C HIS B 380 -22.42 -11.25 27.45
N TYR B 381 -21.32 -10.61 27.02
CA TYR B 381 -20.00 -11.15 27.24
C TYR B 381 -19.25 -10.47 28.38
N THR B 382 -19.89 -9.53 29.07
CA THR B 382 -19.34 -8.98 30.31
C THR B 382 -19.79 -9.84 31.49
N ASP B 383 -18.85 -10.22 32.33
CA ASP B 383 -19.16 -10.71 33.67
C ASP B 383 -19.29 -9.49 34.57
N TRP B 384 -20.50 -9.23 35.04
CA TRP B 384 -20.78 -8.01 35.78
C TRP B 384 -20.38 -8.10 37.25
N LEU B 385 -19.87 -9.24 37.69
CA LEU B 385 -19.18 -9.33 38.97
C LEU B 385 -17.68 -9.10 38.82
N HIS B 386 -17.15 -9.14 37.61
CA HIS B 386 -15.73 -8.86 37.34
C HIS B 386 -15.59 -8.12 36.01
N PRO B 387 -16.20 -6.93 35.89
CA PRO B 387 -16.28 -6.28 34.58
C PRO B 387 -14.94 -5.78 34.03
N GLU B 388 -13.87 -5.77 34.83
CA GLU B 388 -12.61 -5.18 34.37
C GLU B 388 -11.42 -6.10 34.55
N ASP B 389 -11.63 -7.35 34.96
CA ASP B 389 -10.55 -8.33 35.06
C ASP B 389 -9.89 -8.53 33.69
N PRO B 390 -8.58 -8.29 33.57
CA PRO B 390 -7.96 -8.36 32.23
C PRO B 390 -7.91 -9.76 31.64
N ALA B 391 -7.64 -10.79 32.46
CA ALA B 391 -7.61 -12.14 31.93
C ALA B 391 -9.00 -12.56 31.44
N ARG B 392 -10.04 -12.22 32.19
CA ARG B 392 -11.41 -12.52 31.78
C ARG B 392 -11.80 -11.77 30.52
N LEU B 393 -11.30 -10.55 30.35
CA LEU B 393 -11.64 -9.76 29.16
C LEU B 393 -10.97 -10.32 27.92
N ARG B 394 -9.75 -10.84 28.08
CA ARG B 394 -9.07 -11.52 26.97
C ARG B 394 -9.86 -12.73 26.51
N GLU B 395 -10.24 -13.59 27.46
CA GLU B 395 -11.01 -14.79 27.12
C GLU B 395 -12.36 -14.42 26.52
N ALA B 396 -12.99 -13.37 27.04
CA ALA B 396 -14.34 -13.02 26.60
C ALA B 396 -14.35 -12.49 25.17
N LEU B 397 -13.34 -11.70 24.80
CA LEU B 397 -13.29 -11.21 23.42
C LEU B 397 -12.92 -12.33 22.45
N SER B 398 -12.06 -13.25 22.88
CA SER B 398 -11.83 -14.47 22.11
C SER B 398 -13.15 -15.20 21.87
N ASP B 399 -14.00 -15.27 22.90
CA ASP B 399 -15.32 -15.86 22.73
C ASP B 399 -16.15 -15.06 21.74
N VAL B 400 -16.20 -13.74 21.93
CA VAL B 400 -16.99 -12.87 21.03
C VAL B 400 -16.62 -13.16 19.57
N VAL B 401 -15.32 -13.24 19.29
CA VAL B 401 -14.84 -13.37 17.92
C VAL B 401 -15.05 -14.79 17.41
N GLY B 402 -14.75 -15.80 18.23
CA GLY B 402 -14.96 -17.18 17.81
C GLY B 402 -16.43 -17.54 17.70
N ASP B 403 -17.25 -17.09 18.65
CA ASP B 403 -18.67 -17.37 18.61
C ASP B 403 -19.30 -16.81 17.34
N HIS B 404 -19.02 -15.54 17.05
CA HIS B 404 -19.72 -14.84 16.00
C HIS B 404 -19.32 -15.35 14.61
N ASN B 405 -18.05 -15.70 14.43
CA ASN B 405 -17.55 -16.00 13.09
C ASN B 405 -17.42 -17.50 12.80
N VAL B 406 -17.31 -18.36 13.81
CA VAL B 406 -17.09 -19.77 13.53
C VAL B 406 -18.08 -20.66 14.28
N VAL B 407 -18.06 -20.61 15.61
CA VAL B 407 -18.79 -21.60 16.41
C VAL B 407 -20.29 -21.53 16.13
N CYS B 408 -20.86 -20.35 16.21
CA CYS B 408 -22.33 -20.25 16.13
C CYS B 408 -22.87 -20.44 14.71
N PRO B 409 -22.19 -19.97 13.66
CA PRO B 409 -22.62 -20.38 12.31
C PRO B 409 -22.56 -21.88 12.09
N VAL B 410 -21.51 -22.54 12.60
CA VAL B 410 -21.41 -23.99 12.48
C VAL B 410 -22.55 -24.66 13.25
N ALA B 411 -22.82 -24.20 14.47
CA ALA B 411 -23.90 -24.77 15.26
C ALA B 411 -25.25 -24.54 14.62
N GLN B 412 -25.44 -23.40 13.95
CA GLN B 412 -26.70 -23.16 13.25
C GLN B 412 -26.85 -24.07 12.05
N LEU B 413 -25.78 -24.24 11.27
CA LEU B 413 -25.80 -25.21 10.18
C LEU B 413 -26.11 -26.62 10.71
N ALA B 414 -25.39 -27.03 11.75
CA ALA B 414 -25.56 -28.37 12.30
C ALA B 414 -26.99 -28.59 12.79
N GLY B 415 -27.54 -27.63 13.52
CA GLY B 415 -28.88 -27.80 14.05
C GLY B 415 -29.95 -27.83 12.97
N ARG B 416 -29.79 -26.99 11.94
CA ARG B 416 -30.79 -26.95 10.88
C ARG B 416 -30.72 -28.18 9.98
N LEU B 417 -29.50 -28.60 9.63
CA LEU B 417 -29.35 -29.78 8.79
C LEU B 417 -29.88 -31.03 9.49
N ALA B 418 -29.63 -31.15 10.79
CA ALA B 418 -30.06 -32.33 11.54
C ALA B 418 -31.59 -32.38 11.63
N ALA B 419 -32.21 -31.26 11.99
CA ALA B 419 -33.65 -31.21 12.11
C ALA B 419 -34.37 -31.37 10.77
N GLN B 420 -33.64 -31.32 9.65
CA GLN B 420 -34.26 -31.35 8.33
C GLN B 420 -33.71 -32.47 7.46
N GLY B 421 -33.27 -33.58 8.09
CA GLY B 421 -33.03 -34.82 7.38
C GLY B 421 -31.61 -35.33 7.41
N ALA B 422 -30.61 -34.48 7.65
CA ALA B 422 -29.23 -34.91 7.59
C ALA B 422 -28.84 -35.65 8.86
N ARG B 423 -27.89 -36.58 8.71
CA ARG B 423 -27.22 -37.18 9.86
C ARG B 423 -25.92 -36.42 10.08
N VAL B 424 -25.80 -35.77 11.23
CA VAL B 424 -24.73 -34.83 11.52
C VAL B 424 -23.92 -35.38 12.68
N TYR B 425 -22.59 -35.35 12.53
CA TYR B 425 -21.67 -35.64 13.63
C TYR B 425 -20.88 -34.38 13.93
N ALA B 426 -20.82 -34.02 15.22
CA ALA B 426 -20.19 -32.78 15.64
C ALA B 426 -19.03 -33.09 16.59
N TYR B 427 -17.96 -32.30 16.50
CA TYR B 427 -16.78 -32.49 17.33
C TYR B 427 -16.29 -31.13 17.82
N VAL B 428 -15.56 -31.15 18.92
CA VAL B 428 -14.73 -30.03 19.36
C VAL B 428 -13.32 -30.57 19.57
N PHE B 429 -12.37 -29.98 18.86
CA PHE B 429 -10.97 -30.43 18.89
C PHE B 429 -10.24 -29.70 20.01
N GLU B 430 -9.77 -30.46 21.01
CA GLU B 430 -9.32 -29.86 22.26
C GLU B 430 -7.87 -30.21 22.60
N HIS B 431 -7.08 -30.67 21.64
CA HIS B 431 -5.68 -30.99 21.90
C HIS B 431 -4.78 -29.85 21.42
N ARG B 432 -3.93 -29.36 22.31
CA ARG B 432 -2.93 -28.36 21.96
C ARG B 432 -1.65 -29.07 21.55
N ALA B 433 -1.22 -28.87 20.32
CA ALA B 433 -0.07 -29.57 19.78
C ALA B 433 1.17 -29.28 20.61
N SER B 434 1.89 -30.34 20.99
CA SER B 434 3.13 -30.17 21.73
C SER B 434 4.15 -29.35 20.94
N THR B 435 4.00 -29.28 19.63
CA THR B 435 4.89 -28.52 18.76
C THR B 435 4.36 -27.12 18.46
N LEU B 436 3.26 -26.73 19.07
CA LEU B 436 2.59 -25.48 18.69
C LEU B 436 3.42 -24.26 19.07
N SER B 437 3.55 -23.33 18.12
CA SER B 437 4.39 -22.16 18.30
C SER B 437 3.66 -20.96 18.89
N TRP B 438 2.34 -20.93 18.81
CA TRP B 438 1.59 -19.82 19.37
C TRP B 438 1.60 -19.87 20.90
N PRO B 439 1.45 -18.73 21.58
CA PRO B 439 1.53 -18.73 23.04
C PRO B 439 0.36 -19.48 23.67
N LEU B 440 0.56 -19.85 24.95
CA LEU B 440 -0.40 -20.70 25.61
C LEU B 440 -1.73 -20.00 25.87
N TRP B 441 -1.74 -18.66 25.94
CA TRP B 441 -3.01 -17.99 26.19
C TRP B 441 -3.99 -18.16 25.03
N MET B 442 -3.52 -18.60 23.86
CA MET B 442 -4.39 -18.85 22.73
C MET B 442 -5.10 -20.19 22.78
N GLY B 443 -4.68 -21.09 23.68
CA GLY B 443 -5.38 -22.36 23.81
C GLY B 443 -5.15 -23.25 22.61
N VAL B 444 -6.24 -23.80 22.07
CA VAL B 444 -6.21 -24.56 20.83
C VAL B 444 -6.75 -23.67 19.73
N PRO B 445 -5.90 -23.00 18.95
CA PRO B 445 -6.36 -21.94 18.06
C PRO B 445 -6.90 -22.46 16.74
N HIS B 446 -7.54 -21.55 16.01
CA HIS B 446 -8.08 -21.82 14.69
C HIS B 446 -7.02 -22.44 13.78
N GLY B 447 -7.38 -23.55 13.12
CA GLY B 447 -6.56 -24.14 12.08
C GLY B 447 -5.62 -25.24 12.53
N TYR B 448 -5.53 -25.47 13.80
CA TYR B 448 -4.62 -26.39 14.40
C TYR B 448 -4.99 -27.82 14.56
N GLU B 449 -6.18 -28.13 14.14
CA GLU B 449 -6.60 -29.53 14.02
C GLU B 449 -6.18 -30.14 12.68
N ILE B 450 -5.92 -29.30 11.68
CA ILE B 450 -5.68 -29.80 10.32
C ILE B 450 -4.51 -30.77 10.28
N GLU B 451 -3.39 -30.38 10.90
CA GLU B 451 -2.18 -31.21 10.83
C GLU B 451 -2.43 -32.60 11.38
N PHE B 452 -3.32 -32.73 12.36
CA PHE B 452 -3.65 -34.05 12.89
C PHE B 452 -4.56 -34.81 11.93
N ILE B 453 -5.47 -34.11 11.26
CA ILE B 453 -6.35 -34.77 10.29
C ILE B 453 -5.54 -35.35 9.15
N PHE B 454 -4.47 -34.68 8.76
CA PHE B 454 -3.63 -35.10 7.64
C PHE B 454 -2.49 -36.02 8.06
N GLY B 455 -2.43 -36.41 9.34
CA GLY B 455 -1.39 -37.31 9.78
C GLY B 455 0.01 -36.72 9.80
N ILE B 456 0.13 -35.39 9.82
CA ILE B 456 1.45 -34.77 9.86
C ILE B 456 2.29 -35.24 11.04
N PRO B 457 1.74 -35.50 12.24
CA PRO B 457 2.57 -36.05 13.32
C PRO B 457 3.30 -37.34 12.97
N LEU B 458 2.91 -38.03 11.91
CA LEU B 458 3.62 -39.24 11.50
C LEU B 458 4.90 -38.95 10.73
N ASP B 459 5.08 -37.71 10.25
CA ASP B 459 6.32 -37.28 9.63
C ASP B 459 7.46 -37.49 10.63
N PRO B 460 8.40 -38.39 10.34
CA PRO B 460 9.46 -38.69 11.32
C PRO B 460 10.38 -37.52 11.57
N SER B 461 10.52 -36.60 10.62
CA SER B 461 11.37 -35.43 10.77
C SER B 461 10.71 -34.30 11.56
N ARG B 462 9.61 -34.59 12.26
CA ARG B 462 8.94 -33.62 13.10
C ARG B 462 8.91 -34.15 14.54
N ASN B 463 8.66 -33.24 15.48
CA ASN B 463 8.89 -33.49 16.89
C ASN B 463 7.62 -33.81 17.68
N TYR B 464 6.65 -34.47 17.05
CA TYR B 464 5.44 -34.85 17.77
C TYR B 464 5.69 -36.07 18.66
N THR B 465 4.92 -36.17 19.74
CA THR B 465 5.08 -37.28 20.67
C THR B 465 4.44 -38.55 20.11
N ALA B 466 4.68 -39.67 20.81
CA ALA B 466 4.13 -40.94 20.37
C ALA B 466 2.61 -40.98 20.54
N GLU B 467 2.08 -40.36 21.60
CA GLU B 467 0.64 -40.31 21.78
C GLU B 467 -0.01 -39.43 20.72
N GLU B 468 0.67 -38.34 20.34
CA GLU B 468 0.14 -37.47 19.29
C GLU B 468 0.06 -38.21 17.96
N LYS B 469 0.94 -39.18 17.73
CA LYS B 469 0.86 -40.00 16.52
C LYS B 469 -0.32 -40.96 16.60
N ILE B 470 -0.51 -41.60 17.76
CA ILE B 470 -1.69 -42.43 17.98
C ILE B 470 -2.96 -41.60 17.76
N PHE B 471 -2.97 -40.39 18.34
CA PHE B 471 -4.10 -39.48 18.22
C PHE B 471 -4.38 -39.14 16.76
N ALA B 472 -3.34 -38.81 16.00
CA ALA B 472 -3.52 -38.50 14.58
C ALA B 472 -4.09 -39.69 13.83
N GLN B 473 -3.63 -40.90 14.14
CA GLN B 473 -4.17 -42.09 13.49
C GLN B 473 -5.64 -42.30 13.86
N ARG B 474 -6.04 -41.90 15.07
CA ARG B 474 -7.45 -41.97 15.44
C ARG B 474 -8.29 -41.02 14.60
N LEU B 475 -7.82 -39.79 14.40
CA LEU B 475 -8.59 -38.81 13.65
C LEU B 475 -8.67 -39.19 12.17
N MET B 476 -7.55 -39.63 11.58
CA MET B 476 -7.58 -40.10 10.21
C MET B 476 -8.57 -41.25 10.03
N ARG B 477 -8.65 -42.14 11.03
CA ARG B 477 -9.59 -43.24 10.96
C ARG B 477 -11.04 -42.75 11.07
N TYR B 478 -11.30 -41.78 11.95
CA TYR B 478 -12.61 -41.16 12.02
C TYR B 478 -13.01 -40.55 10.67
N TRP B 479 -12.10 -39.76 10.10
CA TRP B 479 -12.41 -39.08 8.84
C TRP B 479 -12.59 -40.06 7.69
N ALA B 480 -11.74 -41.08 7.62
CA ALA B 480 -11.86 -42.07 6.56
C ALA B 480 -13.09 -42.94 6.75
N ASN B 481 -13.40 -43.31 8.00
CA ASN B 481 -14.62 -44.05 8.27
C ASN B 481 -15.85 -43.27 7.81
N PHE B 482 -15.86 -41.96 8.08
CA PHE B 482 -16.99 -41.13 7.64
C PHE B 482 -17.04 -41.06 6.12
N ALA B 483 -15.89 -40.96 5.47
CA ALA B 483 -15.87 -40.92 4.01
C ALA B 483 -16.39 -42.23 3.42
N ARG B 484 -16.03 -43.36 4.04
CA ARG B 484 -16.42 -44.66 3.51
C ARG B 484 -17.90 -44.95 3.73
N THR B 485 -18.45 -44.55 4.87
CA THR B 485 -19.78 -44.97 5.27
C THR B 485 -20.72 -43.86 5.70
N GLY B 486 -20.24 -42.63 5.89
CA GLY B 486 -21.07 -41.61 6.50
C GLY B 486 -21.24 -41.77 7.98
N ASP B 487 -20.35 -42.52 8.64
CA ASP B 487 -20.36 -42.74 10.08
C ASP B 487 -18.91 -42.86 10.56
N PRO B 488 -18.46 -41.99 11.47
CA PRO B 488 -17.07 -42.05 11.91
C PRO B 488 -16.73 -43.21 12.84
N ASN B 489 -17.73 -43.90 13.38
CA ASN B 489 -17.51 -44.89 14.43
C ASN B 489 -17.02 -46.21 13.86
N GLU B 490 -16.29 -46.93 14.66
CA GLU B 490 -15.97 -48.29 14.33
C GLU B 490 -16.83 -49.24 15.11
N ALA B 496 -15.38 -49.89 22.62
CA ALA B 496 -14.95 -48.53 22.30
C ALA B 496 -16.10 -47.54 22.46
N PRO B 497 -15.82 -46.39 23.06
CA PRO B 497 -16.89 -45.40 23.28
C PRO B 497 -17.32 -44.76 21.97
N GLN B 498 -18.62 -44.61 21.79
CA GLN B 498 -19.18 -44.29 20.49
C GLN B 498 -19.55 -42.82 20.35
N TRP B 499 -19.47 -42.33 19.11
CA TRP B 499 -19.72 -40.96 18.74
C TRP B 499 -21.16 -40.82 18.26
N PRO B 500 -22.05 -40.23 19.04
CA PRO B 500 -23.46 -40.17 18.64
C PRO B 500 -23.70 -39.02 17.67
N PRO B 501 -24.74 -39.10 16.84
CA PRO B 501 -25.04 -38.00 15.93
C PRO B 501 -25.48 -36.75 16.69
N TYR B 502 -25.24 -35.60 16.08
CA TYR B 502 -25.69 -34.33 16.62
C TYR B 502 -27.15 -34.11 16.22
N THR B 503 -27.97 -33.71 17.19
CA THR B 503 -29.38 -33.41 16.95
C THR B 503 -29.72 -32.04 17.53
N ALA B 504 -30.80 -31.45 17.01
CA ALA B 504 -31.19 -30.12 17.46
C ALA B 504 -31.57 -30.11 18.93
N GLY B 505 -32.13 -31.20 19.44
CA GLY B 505 -32.52 -31.27 20.83
C GLY B 505 -31.39 -31.65 21.76
N ALA B 506 -30.83 -32.84 21.58
CA ALA B 506 -29.78 -33.31 22.48
C ALA B 506 -28.48 -32.56 22.27
N GLN B 507 -28.19 -32.13 21.03
CA GLN B 507 -27.03 -31.30 20.72
C GLN B 507 -25.72 -31.94 21.15
N GLN B 508 -25.61 -33.25 20.93
CA GLN B 508 -24.44 -33.99 21.40
C GLN B 508 -23.29 -33.88 20.43
N TYR B 509 -22.08 -33.78 20.98
CA TYR B 509 -20.84 -33.80 20.23
C TYR B 509 -19.81 -34.54 21.06
N VAL B 510 -18.61 -34.72 20.50
CA VAL B 510 -17.52 -35.37 21.21
C VAL B 510 -16.33 -34.43 21.25
N SER B 511 -15.55 -34.54 22.32
CA SER B 511 -14.27 -33.88 22.41
C SER B 511 -13.20 -34.78 21.81
N LEU B 512 -12.32 -34.18 21.01
CA LEU B 512 -11.23 -34.91 20.36
C LEU B 512 -9.92 -34.47 21.01
N ASP B 513 -9.33 -35.36 21.80
CA ASP B 513 -7.99 -35.14 22.35
C ASP B 513 -7.38 -36.50 22.66
N LEU B 514 -6.30 -36.51 23.45
CA LEU B 514 -5.59 -37.74 23.74
C LEU B 514 -6.42 -38.69 24.60
N ARG B 515 -7.40 -38.18 25.34
CA ARG B 515 -8.31 -39.03 26.08
C ARG B 515 -9.30 -39.69 25.14
N PRO B 516 -9.94 -40.78 25.56
CA PRO B 516 -11.02 -41.36 24.76
C PRO B 516 -12.15 -40.35 24.55
N LEU B 517 -13.02 -40.66 23.59
CA LEU B 517 -14.13 -39.77 23.28
C LEU B 517 -14.97 -39.49 24.51
N GLU B 518 -15.26 -38.22 24.72
CA GLU B 518 -16.19 -37.78 25.75
C GLU B 518 -17.36 -37.07 25.09
N VAL B 519 -18.56 -37.53 25.36
CA VAL B 519 -19.78 -36.95 24.77
C VAL B 519 -20.25 -35.81 25.66
N ARG B 520 -20.55 -34.67 25.03
CA ARG B 520 -21.06 -33.50 25.73
C ARG B 520 -22.24 -32.93 24.96
N ARG B 521 -22.90 -31.94 25.56
CA ARG B 521 -24.11 -31.34 25.01
C ARG B 521 -23.91 -29.86 24.79
N GLY B 522 -24.24 -29.38 23.59
CA GLY B 522 -24.31 -27.95 23.34
C GLY B 522 -23.07 -27.31 22.77
N LEU B 523 -23.15 -26.84 21.53
CA LEU B 523 -22.08 -26.08 20.90
C LEU B 523 -22.22 -24.61 21.31
N ARG B 524 -21.85 -24.35 22.56
CA ARG B 524 -22.04 -23.04 23.19
C ARG B 524 -23.48 -22.57 23.00
N ALA B 525 -24.41 -23.38 23.50
CA ALA B 525 -25.82 -23.17 23.23
C ALA B 525 -26.30 -21.81 23.72
N GLN B 526 -25.90 -21.42 24.94
CA GLN B 526 -26.32 -20.14 25.49
C GLN B 526 -25.82 -18.99 24.62
N ALA B 527 -24.52 -18.98 24.31
CA ALA B 527 -23.96 -17.91 23.51
C ALA B 527 -24.54 -17.93 22.09
N CYS B 528 -24.67 -19.12 21.50
CA CYS B 528 -25.14 -19.21 20.13
C CYS B 528 -26.64 -18.95 20.01
N ALA B 529 -27.40 -19.07 21.10
CA ALA B 529 -28.77 -18.61 21.08
C ALA B 529 -28.82 -17.10 20.88
N PHE B 530 -27.86 -16.38 21.46
CA PHE B 530 -27.79 -14.94 21.27
C PHE B 530 -27.52 -14.59 19.81
N TRP B 531 -26.52 -15.22 19.20
CA TRP B 531 -26.14 -14.87 17.84
C TRP B 531 -27.16 -15.36 16.83
N ASN B 532 -27.67 -16.58 17.01
CA ASN B 532 -28.50 -17.20 16.00
C ASN B 532 -29.98 -16.86 16.14
N ARG B 533 -30.45 -16.58 17.35
CA ARG B 533 -31.87 -16.36 17.58
C ARG B 533 -32.23 -14.91 17.88
N PHE B 534 -31.47 -14.20 18.73
CA PHE B 534 -31.88 -12.85 19.07
C PHE B 534 -31.31 -11.80 18.14
N LEU B 535 -29.99 -11.79 17.95
CA LEU B 535 -29.32 -10.73 17.19
C LEU B 535 -29.91 -10.50 15.80
N PRO B 536 -30.41 -11.53 15.09
CA PRO B 536 -31.10 -11.24 13.83
C PRO B 536 -32.30 -10.32 13.97
N LYS B 537 -33.15 -10.55 14.98
CA LYS B 537 -34.34 -9.73 15.15
C LYS B 537 -33.97 -8.28 15.45
N LEU B 538 -32.90 -8.07 16.22
CA LEU B 538 -32.48 -6.72 16.58
C LEU B 538 -31.99 -5.95 15.36
N LEU B 539 -31.39 -6.64 14.38
CA LEU B 539 -30.80 -5.94 13.25
C LEU B 539 -31.85 -5.53 12.22
N SER B 540 -32.94 -6.29 12.09
CA SER B 540 -33.96 -5.98 11.11
C SER B 540 -35.00 -4.98 11.61
N ALA B 541 -35.23 -4.92 12.91
CA ALA B 541 -36.24 -4.03 13.47
C ALA B 541 -35.62 -3.08 14.51
C1 NAG C . -5.37 40.66 -21.66
C2 NAG C . -6.84 40.79 -22.06
C3 NAG C . -7.53 39.44 -22.10
C4 NAG C . -6.73 38.47 -22.95
C5 NAG C . -5.30 38.41 -22.46
C6 NAG C . -4.47 37.45 -23.31
C7 NAG C . -7.46 43.00 -21.26
C8 NAG C . -7.43 43.52 -22.66
N2 NAG C . -7.52 41.68 -21.14
O3 NAG C . -8.84 39.59 -22.64
O4 NAG C . -7.32 37.17 -22.89
O5 NAG C . -4.69 39.71 -22.48
O6 NAG C . -4.35 37.98 -24.64
O7 NAG C . -7.41 43.74 -20.29
C1 NAG C . -7.44 36.66 -24.22
C2 NAG C . -7.70 35.16 -24.17
C3 NAG C . -7.89 34.57 -25.56
C4 NAG C . -8.94 35.37 -26.32
C5 NAG C . -8.55 36.85 -26.33
C6 NAG C . -9.60 37.67 -27.07
C7 NAG C . -6.55 34.43 -22.17
C8 NAG C . -5.26 33.94 -21.60
N2 NAG C . -6.62 34.48 -23.49
O3 NAG C . -8.32 33.21 -25.46
O4 NAG C . -9.02 34.89 -27.67
O5 NAG C . -8.44 37.33 -24.99
O6 NAG C . -9.14 39.02 -27.20
O7 NAG C . -7.48 34.77 -21.45
C1 FUC C . -2.96 38.15 -24.95
C2 FUC C . -2.79 38.23 -26.46
C3 FUC C . -3.32 39.54 -27.02
C4 FUC C . -2.71 40.71 -26.25
C5 FUC C . -2.96 40.53 -24.76
C6 FUC C . -2.34 41.67 -23.96
O2 FUC C . -3.48 37.14 -27.08
O3 FUC C . -2.98 39.66 -28.40
O4 FUC C . -1.30 40.75 -26.50
O5 FUC C . -2.40 39.29 -24.31
C1 NAG D . 7.21 -10.44 -17.48
C2 NAG D . 7.15 -11.60 -16.47
C3 NAG D . 8.50 -11.79 -15.78
C4 NAG D . 9.60 -11.91 -16.82
C5 NAG D . 9.57 -10.72 -17.75
C6 NAG D . 10.65 -10.82 -18.82
C7 NAG D . 4.84 -11.60 -15.74
C8 NAG D . 4.57 -12.83 -16.57
N2 NAG D . 6.12 -11.35 -15.49
O3 NAG D . 8.45 -12.98 -14.98
O4 NAG D . 10.87 -11.98 -16.17
O5 NAG D . 8.28 -10.61 -18.39
O6 NAG D . 10.36 -11.92 -19.69
O7 NAG D . 3.94 -10.90 -15.31
C1 NAG D . 11.54 -13.18 -16.58
C2 NAG D . 12.90 -13.27 -15.89
C3 NAG D . 13.62 -14.56 -16.26
C4 NAG D . 12.71 -15.75 -16.01
C5 NAG D . 11.39 -15.55 -16.76
C6 NAG D . 10.45 -16.73 -16.52
C7 NAG D . 13.57 -10.95 -15.65
C8 NAG D . 13.25 -11.00 -14.19
N2 NAG D . 13.71 -12.12 -16.26
O3 NAG D . 14.80 -14.68 -15.46
O4 NAG D . 13.35 -16.95 -16.47
O5 NAG D . 10.76 -14.35 -16.34
O6 NAG D . 9.30 -16.60 -17.35
O7 NAG D . 13.69 -9.89 -16.25
C1 NAG E . 1.45 -6.30 24.58
C2 NAG E . 1.04 -5.12 25.45
C3 NAG E . 0.11 -4.18 24.70
C4 NAG E . 0.74 -3.80 23.37
C5 NAG E . 1.08 -5.05 22.58
C6 NAG E . 1.73 -4.69 21.24
C7 NAG E . 1.10 -6.01 27.70
C8 NAG E . 2.37 -5.26 27.97
N2 NAG E . 0.39 -5.59 26.66
O3 NAG E . -0.11 -3.00 25.48
O4 NAG E . -0.19 -3.00 22.61
O5 NAG E . 1.99 -5.86 23.33
O6 NAG E . 3.00 -4.08 21.48
O7 NAG E . 0.73 -6.94 28.41
C1 NAG E . 0.49 -1.82 22.14
C2 NAG E . -0.42 -1.05 21.21
C3 NAG E . 0.23 0.25 20.74
C4 NAG E . 0.71 1.04 21.94
C5 NAG E . 1.62 0.19 22.80
C6 NAG E . 2.11 0.95 24.02
C7 NAG E . -1.74 -2.78 20.13
C8 NAG E . -1.86 -3.68 18.92
N2 NAG E . -0.76 -1.87 20.06
O3 NAG E . -0.72 1.02 20.00
O4 NAG E . 1.43 2.20 21.49
O5 NAG E . 0.93 -0.99 23.23
O6 NAG E . 3.08 0.17 24.73
O7 NAG E . -2.47 -2.87 21.09
C1 FUC E . 3.98 -4.71 20.64
C2 FUC E . 5.23 -3.83 20.57
C3 FUC E . 6.00 -3.84 21.88
C4 FUC E . 6.25 -5.27 22.32
C5 FUC E . 4.95 -6.04 22.37
C6 FUC E . 5.18 -7.49 22.79
O2 FUC E . 4.86 -2.48 20.25
O3 FUC E . 7.24 -3.15 21.73
O4 FUC E . 7.15 -5.89 21.39
O5 FUC E . 4.30 -6.02 21.09
O3 HI6 F . 4.09 26.17 -17.88
C14 HI6 F . 5.26 26.36 -17.86
N4 HI6 F . 6.00 26.38 -19.10
C11 HI6 F . 5.99 26.57 -16.53
C10 HI6 F . 7.27 26.16 -16.42
C9 HI6 F . 7.94 26.34 -15.21
N3 HI6 F . 7.30 26.92 -14.17
C13 HI6 F . 6.02 27.33 -14.30
C12 HI6 F . 5.35 27.15 -15.49
C8 HI6 F . 8.00 27.11 -12.92
O2 HI6 F . 9.26 27.65 -13.20
C7 HI6 F . 9.49 28.89 -12.60
N2 HI6 F . 10.11 28.68 -11.32
C2 HI6 F . 9.84 29.53 -10.30
C1 HI6 F . 8.87 30.68 -10.55
N1 HI6 F . 8.87 31.70 -9.83
O1 HI6 F . 7.97 32.74 -10.08
C3 HI6 F . 10.43 29.35 -9.06
C4 HI6 F . 11.28 28.31 -8.87
C5 HI6 F . 11.56 27.46 -9.89
C6 HI6 F . 10.97 27.64 -11.13
P1 VX G . 7.11 25.28 -7.62
O1 VX G . 7.96 24.03 -7.63
O2 VX G . 5.57 24.89 -8.04
C1 VX G . 7.80 26.49 -8.85
C2 VX G . 4.74 24.29 -7.07
C3 VX G . 3.56 25.21 -6.77
O3 HI6 H . -2.09 -11.01 7.66
C14 HI6 H . -3.25 -11.18 7.52
N4 HI6 H . -4.13 -10.04 7.34
C11 HI6 H . -3.82 -12.59 7.55
C10 HI6 H . -4.62 -12.98 8.57
C9 HI6 H . -5.16 -14.26 8.59
N3 HI6 H . -4.87 -15.12 7.59
C13 HI6 H . -4.06 -14.75 6.57
C12 HI6 H . -3.54 -13.45 6.55
C8 HI6 H . -5.42 -16.46 7.62
O2 HI6 H . -4.44 -17.35 7.16
C7 HI6 H . -4.09 -18.32 8.10
N2 HI6 H . -4.81 -19.55 7.82
C2 HI6 H . -5.12 -20.38 8.85
C1 HI6 H . -4.70 -20.00 10.27
N1 HI6 H . -5.09 -20.67 11.24
O1 HI6 H . -4.69 -20.31 12.54
C3 HI6 H . -5.80 -21.56 8.59
C4 HI6 H . -6.16 -21.87 7.32
C5 HI6 H . -5.84 -21.02 6.29
C6 HI6 H . -5.16 -19.85 6.55
C1 NAG I . 12.70 -30.16 16.59
C2 NAG I . 12.91 -29.22 15.40
C3 NAG I . 14.40 -28.97 15.15
C4 NAG I . 15.06 -28.51 16.44
C5 NAG I . 14.79 -29.53 17.55
C6 NAG I . 15.45 -29.09 18.85
C7 NAG I . 11.00 -29.64 13.98
C8 NAG I . 10.43 -30.57 12.95
N2 NAG I . 12.30 -29.77 14.21
O3 NAG I . 14.54 -27.95 14.16
O4 NAG I . 16.47 -28.39 16.23
O5 NAG I . 13.39 -29.69 17.74
O6 NAG I . 15.32 -30.14 19.83
O7 NAG I . 10.32 -28.81 14.55
P1 VX J . -10.56 -18.94 7.42
O1 VX J . -10.49 -19.04 5.92
O2 VX J . -11.39 -17.59 7.85
C1 VX J . -8.82 -18.83 8.09
C2 VX J . -12.42 -17.71 8.79
C3 VX J . -12.96 -16.32 9.11
#